data_2CD1
# 
_entry.id   2CD1 
# 
_audit_conform.dict_name       mmcif_pdbx.dic 
_audit_conform.dict_version    5.392 
_audit_conform.dict_location   http://mmcif.pdb.org/dictionaries/ascii/mmcif_pdbx.dic 
# 
loop_
_database_2.database_id 
_database_2.database_code 
_database_2.pdbx_database_accession 
_database_2.pdbx_DOI 
PDB   2CD1         pdb_00002cd1 10.2210/pdb2cd1/pdb 
PDBE  EBI-27324    ?            ?                   
WWPDB D_1290027324 ?            ?                   
# 
loop_
_pdbx_audit_revision_history.ordinal 
_pdbx_audit_revision_history.data_content_type 
_pdbx_audit_revision_history.major_revision 
_pdbx_audit_revision_history.minor_revision 
_pdbx_audit_revision_history.revision_date 
1 'Structure model' 1 0 2007-05-01 
2 'Structure model' 1 1 2016-01-27 
3 'Structure model' 1 2 2024-05-15 
# 
_pdbx_audit_revision_details.ordinal             1 
_pdbx_audit_revision_details.revision_ordinal    1 
_pdbx_audit_revision_details.data_content_type   'Structure model' 
_pdbx_audit_revision_details.provider            repository 
_pdbx_audit_revision_details.type                'Initial release' 
_pdbx_audit_revision_details.description         ? 
_pdbx_audit_revision_details.details             ? 
# 
loop_
_pdbx_audit_revision_group.ordinal 
_pdbx_audit_revision_group.revision_ordinal 
_pdbx_audit_revision_group.data_content_type 
_pdbx_audit_revision_group.group 
1 2 'Structure model' 'Derived calculations'      
2 2 'Structure model' Other                       
3 2 'Structure model' 'Version format compliance' 
4 3 'Structure model' 'Data collection'           
5 3 'Structure model' 'Database references'       
# 
loop_
_pdbx_audit_revision_category.ordinal 
_pdbx_audit_revision_category.revision_ordinal 
_pdbx_audit_revision_category.data_content_type 
_pdbx_audit_revision_category.category 
1 3 'Structure model' chem_comp_atom    
2 3 'Structure model' chem_comp_bond    
3 3 'Structure model' database_2        
4 3 'Structure model' pdbx_nmr_software 
# 
loop_
_pdbx_audit_revision_item.ordinal 
_pdbx_audit_revision_item.revision_ordinal 
_pdbx_audit_revision_item.data_content_type 
_pdbx_audit_revision_item.item 
1 3 'Structure model' '_database_2.pdbx_DOI'                
2 3 'Structure model' '_database_2.pdbx_database_accession' 
3 3 'Structure model' '_pdbx_nmr_software.name'             
# 
_pdbx_database_status.status_code                     REL 
_pdbx_database_status.entry_id                        2CD1 
_pdbx_database_status.deposit_site                    PDBE 
_pdbx_database_status.process_site                    PDBE 
_pdbx_database_status.SG_entry                        . 
_pdbx_database_status.recvd_initial_deposition_date   2006-01-19 
_pdbx_database_status.pdb_format_compatible           Y 
_pdbx_database_status.status_code_sf                  ? 
_pdbx_database_status.status_code_mr                  ? 
_pdbx_database_status.status_code_cs                  ? 
_pdbx_database_status.methods_development_category    ? 
_pdbx_database_status.status_code_nmr_data            ? 
# 
loop_
_pdbx_database_related.db_name 
_pdbx_database_related.db_id 
_pdbx_database_related.content_type 
_pdbx_database_related.details 
PDB 2CD3 unspecified 'REFINEMENT OF RNASE P P4 STEMLOOP STRUCTURE USING RESIDUAL DIPOLAR COUPLING DATA - C70U MUTANT' 
PDB 2CD5 unspecified 
'REFINEMENT OF RNASE P P4 STEMLOOP STRUCTURE USING RESIDUAL DIPOLAR COUPLINGS - COBALT( III) HEXAMMINE COMPLEX STRUCTURE'     
PDB 2CD6 unspecified 
'REFINEMENT OF RNASE P P4 STEMLOOP STRUCTURE USING RESIDUAL DIPOLAR COUPLING DATA, C70U MUTANT COBALT(III) HEXAMMINE COMPLEX' 
# 
_audit_author.name           'Schmitz, M.' 
_audit_author.pdbx_ordinal   1 
# 
_citation.id                        1 
_citation.title                     'Solution Structure and Metal-Ion Binding of the P4 Element from Bacterial Rnase P RNA' 
_citation.journal_abbrev            RNA 
_citation.journal_volume            6 
_citation.page_first                1212 
_citation.page_last                 ? 
_citation.year                      2000 
_citation.journal_id_ASTM           RNARFU 
_citation.country                   UK 
_citation.journal_id_ISSN           1355-8382 
_citation.journal_id_CSD            2122 
_citation.book_publisher            ? 
_citation.pdbx_database_id_PubMed   10999599 
_citation.pdbx_database_id_DOI      10.1017/S1355838200000881 
# 
loop_
_citation_author.citation_id 
_citation_author.name 
_citation_author.ordinal 
_citation_author.identifier_ORCID 
1 'Schmitz, M.'       1 ? 
1 'Tinoco Junior, I.' 2 ? 
# 
_entity.id                         1 
_entity.type                       polymer 
_entity.src_method                 syn 
_entity.pdbx_description           
;5'-R(*GP*GP*AP*AP*GP*UP*CP*CP*GP*GP*UP*CP*UP *UP*CP*GP*GP*AP*CP*CP*GP*GP*CP*UP*UP*CP*C)-3'
;
_entity.formula_weight             8633.143 
_entity.pdbx_number_of_molecules   1 
_entity.pdbx_ec                    ? 
_entity.pdbx_mutation              ? 
_entity.pdbx_fragment              'P4 STEM, RESIDUES 1-27' 
_entity.details                    ? 
# 
_entity_name_com.entity_id   1 
_entity_name_com.name        'RNASE P RIBOZYME, P4 DOMAIN' 
# 
_entity_poly.entity_id                      1 
_entity_poly.type                           polyribonucleotide 
_entity_poly.nstd_linkage                   no 
_entity_poly.nstd_monomer                   no 
_entity_poly.pdbx_seq_one_letter_code       GGAAGUCCGGUCUUCGGACCGGCUUCC 
_entity_poly.pdbx_seq_one_letter_code_can   GGAAGUCCGGUCUUCGGACCGGCUUCC 
_entity_poly.pdbx_strand_id                 A 
_entity_poly.pdbx_target_identifier         ? 
# 
loop_
_entity_poly_seq.entity_id 
_entity_poly_seq.num 
_entity_poly_seq.mon_id 
_entity_poly_seq.hetero 
1 1  G n 
1 2  G n 
1 3  A n 
1 4  A n 
1 5  G n 
1 6  U n 
1 7  C n 
1 8  C n 
1 9  G n 
1 10 G n 
1 11 U n 
1 12 C n 
1 13 U n 
1 14 U n 
1 15 C n 
1 16 G n 
1 17 G n 
1 18 A n 
1 19 C n 
1 20 C n 
1 21 G n 
1 22 G n 
1 23 C n 
1 24 U n 
1 25 U n 
1 26 C n 
1 27 C n 
# 
_pdbx_entity_src_syn.entity_id              1 
_pdbx_entity_src_syn.pdbx_src_id            1 
_pdbx_entity_src_syn.pdbx_alt_source_flag   sample 
_pdbx_entity_src_syn.pdbx_beg_seq_num       ? 
_pdbx_entity_src_syn.pdbx_end_seq_num       ? 
_pdbx_entity_src_syn.organism_scientific    'ESCHERICHIA COLI' 
_pdbx_entity_src_syn.organism_common_name   ? 
_pdbx_entity_src_syn.ncbi_taxonomy_id       562 
_pdbx_entity_src_syn.details                ? 
# 
loop_
_chem_comp.id 
_chem_comp.type 
_chem_comp.mon_nstd_flag 
_chem_comp.name 
_chem_comp.pdbx_synonyms 
_chem_comp.formula 
_chem_comp.formula_weight 
A 'RNA linking' y "ADENOSINE-5'-MONOPHOSPHATE" ? 'C10 H14 N5 O7 P' 347.221 
C 'RNA linking' y "CYTIDINE-5'-MONOPHOSPHATE"  ? 'C9 H14 N3 O8 P'  323.197 
G 'RNA linking' y "GUANOSINE-5'-MONOPHOSPHATE" ? 'C10 H14 N5 O8 P' 363.221 
U 'RNA linking' y "URIDINE-5'-MONOPHOSPHATE"   ? 'C9 H13 N2 O9 P'  324.181 
# 
loop_
_pdbx_poly_seq_scheme.asym_id 
_pdbx_poly_seq_scheme.entity_id 
_pdbx_poly_seq_scheme.seq_id 
_pdbx_poly_seq_scheme.mon_id 
_pdbx_poly_seq_scheme.ndb_seq_num 
_pdbx_poly_seq_scheme.pdb_seq_num 
_pdbx_poly_seq_scheme.auth_seq_num 
_pdbx_poly_seq_scheme.pdb_mon_id 
_pdbx_poly_seq_scheme.auth_mon_id 
_pdbx_poly_seq_scheme.pdb_strand_id 
_pdbx_poly_seq_scheme.pdb_ins_code 
_pdbx_poly_seq_scheme.hetero 
A 1 1  G 1  1  1  G G A . n 
A 1 2  G 2  2  2  G G A . n 
A 1 3  A 3  3  3  A A A . n 
A 1 4  A 4  4  4  A A A . n 
A 1 5  G 5  5  5  G G A . n 
A 1 6  U 6  6  6  U U A . n 
A 1 7  C 7  7  7  C C A . n 
A 1 8  C 8  8  8  C C A . n 
A 1 9  G 9  9  9  G G A . n 
A 1 10 G 10 10 10 G G A . n 
A 1 11 U 11 11 11 U U A . n 
A 1 12 C 12 12 12 C C A . n 
A 1 13 U 13 13 13 U U A . n 
A 1 14 U 14 14 14 U U A . n 
A 1 15 C 15 15 15 C C A . n 
A 1 16 G 16 16 16 G G A . n 
A 1 17 G 17 17 17 G G A . n 
A 1 18 A 18 18 18 A A A . n 
A 1 19 C 19 19 19 C C A . n 
A 1 20 C 20 20 20 C C A . n 
A 1 21 G 21 21 21 G G A . n 
A 1 22 G 22 22 22 G G A . n 
A 1 23 C 23 23 23 C C A . n 
A 1 24 U 24 24 24 U U A . n 
A 1 25 U 25 25 25 U U A . n 
A 1 26 C 26 26 26 C C A . n 
A 1 27 C 27 27 27 C C A . n 
# 
_cell.entry_id           2CD1 
_cell.length_a           1.000 
_cell.length_b           1.000 
_cell.length_c           1.000 
_cell.angle_alpha        90.00 
_cell.angle_beta         90.00 
_cell.angle_gamma        90.00 
_cell.Z_PDB              1 
_cell.pdbx_unique_axis   ? 
# 
_symmetry.entry_id                         2CD1 
_symmetry.space_group_name_H-M             'P 1' 
_symmetry.pdbx_full_space_group_name_H-M   ? 
_symmetry.cell_setting                     ? 
_symmetry.Int_Tables_number                1 
# 
_exptl.entry_id          2CD1 
_exptl.method            'SOLUTION NMR' 
_exptl.crystals_number   ? 
# 
_struct.entry_id                  2CD1 
_struct.title                     'Refinement of P4 stemloop structure using residual dipolar coupling data' 
_struct.pdbx_model_details        ? 
_struct.pdbx_CASP_flag            ? 
_struct.pdbx_model_type_details   'MINIMIZED AVERAGE' 
# 
_struct_keywords.entry_id        2CD1 
_struct_keywords.pdbx_keywords   'NUCLEIC ACID' 
_struct_keywords.text            
'METAL BINDING SITE, P4 STEM, RIBONUCLEASE P, RIBONUCLEIC ACID, RIBOZYME, TRANSFER RNA PROCESSING, NUCLEIC ACID' 
# 
_struct_asym.id                            A 
_struct_asym.pdbx_blank_PDB_chainid_flag   N 
_struct_asym.pdbx_modified                 N 
_struct_asym.entity_id                     1 
_struct_asym.details                       ? 
# 
_struct_ref.id                         1 
_struct_ref.db_name                    PDB 
_struct_ref.db_code                    2CD1 
_struct_ref.entity_id                  1 
_struct_ref.pdbx_seq_one_letter_code   ? 
_struct_ref.pdbx_align_begin           ? 
_struct_ref.pdbx_db_accession          2CD1 
_struct_ref.pdbx_db_isoform            ? 
# 
_struct_ref_seq.align_id                      1 
_struct_ref_seq.ref_id                        1 
_struct_ref_seq.pdbx_PDB_id_code              2CD1 
_struct_ref_seq.pdbx_strand_id                A 
_struct_ref_seq.seq_align_beg                 1 
_struct_ref_seq.pdbx_seq_align_beg_ins_code   ? 
_struct_ref_seq.seq_align_end                 27 
_struct_ref_seq.pdbx_seq_align_end_ins_code   ? 
_struct_ref_seq.pdbx_db_accession             2CD1 
_struct_ref_seq.db_align_beg                  1 
_struct_ref_seq.pdbx_db_align_beg_ins_code    ? 
_struct_ref_seq.db_align_end                  27 
_struct_ref_seq.pdbx_db_align_end_ins_code    ? 
_struct_ref_seq.pdbx_auth_seq_align_beg       1 
_struct_ref_seq.pdbx_auth_seq_align_end       27 
# 
_pdbx_struct_assembly.id                   1 
_pdbx_struct_assembly.details              author_defined_assembly 
_pdbx_struct_assembly.method_details       ? 
_pdbx_struct_assembly.oligomeric_details   monomeric 
_pdbx_struct_assembly.oligomeric_count     1 
# 
_pdbx_struct_assembly_gen.assembly_id       1 
_pdbx_struct_assembly_gen.oper_expression   1 
_pdbx_struct_assembly_gen.asym_id_list      A 
# 
_pdbx_struct_oper_list.id                   1 
_pdbx_struct_oper_list.type                 'identity operation' 
_pdbx_struct_oper_list.name                 1_555 
_pdbx_struct_oper_list.symmetry_operation   x,y,z 
_pdbx_struct_oper_list.matrix[1][1]         1.0000000000 
_pdbx_struct_oper_list.matrix[1][2]         0.0000000000 
_pdbx_struct_oper_list.matrix[1][3]         0.0000000000 
_pdbx_struct_oper_list.vector[1]            0.0000000000 
_pdbx_struct_oper_list.matrix[2][1]         0.0000000000 
_pdbx_struct_oper_list.matrix[2][2]         1.0000000000 
_pdbx_struct_oper_list.matrix[2][3]         0.0000000000 
_pdbx_struct_oper_list.vector[2]            0.0000000000 
_pdbx_struct_oper_list.matrix[3][1]         0.0000000000 
_pdbx_struct_oper_list.matrix[3][2]         0.0000000000 
_pdbx_struct_oper_list.matrix[3][3]         1.0000000000 
_pdbx_struct_oper_list.vector[3]            0.0000000000 
# 
_struct_biol.id   1 
# 
loop_
_struct_conn.id 
_struct_conn.conn_type_id 
_struct_conn.pdbx_leaving_atom_flag 
_struct_conn.pdbx_PDB_id 
_struct_conn.ptnr1_label_asym_id 
_struct_conn.ptnr1_label_comp_id 
_struct_conn.ptnr1_label_seq_id 
_struct_conn.ptnr1_label_atom_id 
_struct_conn.pdbx_ptnr1_label_alt_id 
_struct_conn.pdbx_ptnr1_PDB_ins_code 
_struct_conn.pdbx_ptnr1_standard_comp_id 
_struct_conn.ptnr1_symmetry 
_struct_conn.ptnr2_label_asym_id 
_struct_conn.ptnr2_label_comp_id 
_struct_conn.ptnr2_label_seq_id 
_struct_conn.ptnr2_label_atom_id 
_struct_conn.pdbx_ptnr2_label_alt_id 
_struct_conn.pdbx_ptnr2_PDB_ins_code 
_struct_conn.ptnr1_auth_asym_id 
_struct_conn.ptnr1_auth_comp_id 
_struct_conn.ptnr1_auth_seq_id 
_struct_conn.ptnr2_auth_asym_id 
_struct_conn.ptnr2_auth_comp_id 
_struct_conn.ptnr2_auth_seq_id 
_struct_conn.ptnr2_symmetry 
_struct_conn.pdbx_ptnr3_label_atom_id 
_struct_conn.pdbx_ptnr3_label_seq_id 
_struct_conn.pdbx_ptnr3_label_comp_id 
_struct_conn.pdbx_ptnr3_label_asym_id 
_struct_conn.pdbx_ptnr3_label_alt_id 
_struct_conn.pdbx_ptnr3_PDB_ins_code 
_struct_conn.details 
_struct_conn.pdbx_dist_value 
_struct_conn.pdbx_value_order 
_struct_conn.pdbx_role 
hydrog1  hydrog ? ? A G 2  N1 ? ? ? 1_555 A C 26 N3 ? ? A G 2  A C 26 1_555 ? ? ? ? ? ? WATSON-CRICK  ? ? ? 
hydrog2  hydrog ? ? A G 2  N2 ? ? ? 1_555 A C 26 O2 ? ? A G 2  A C 26 1_555 ? ? ? ? ? ? WATSON-CRICK  ? ? ? 
hydrog3  hydrog ? ? A G 2  O6 ? ? ? 1_555 A C 26 N4 ? ? A G 2  A C 26 1_555 ? ? ? ? ? ? WATSON-CRICK  ? ? ? 
hydrog4  hydrog ? ? A A 3  N1 ? ? ? 1_555 A U 25 N3 ? ? A A 3  A U 25 1_555 ? ? ? ? ? ? WATSON-CRICK  ? ? ? 
hydrog5  hydrog ? ? A A 3  N6 ? ? ? 1_555 A U 25 O4 ? ? A A 3  A U 25 1_555 ? ? ? ? ? ? WATSON-CRICK  ? ? ? 
hydrog6  hydrog ? ? A A 4  N1 ? ? ? 1_555 A U 24 N3 ? ? A A 4  A U 24 1_555 ? ? ? ? ? ? WATSON-CRICK  ? ? ? 
hydrog7  hydrog ? ? A A 4  N6 ? ? ? 1_555 A U 24 O4 ? ? A A 4  A U 24 1_555 ? ? ? ? ? ? WATSON-CRICK  ? ? ? 
hydrog8  hydrog ? ? A G 5  N1 ? ? ? 1_555 A C 23 N3 ? ? A G 5  A C 23 1_555 ? ? ? ? ? ? WATSON-CRICK  ? ? ? 
hydrog9  hydrog ? ? A G 5  N2 ? ? ? 1_555 A C 23 O2 ? ? A G 5  A C 23 1_555 ? ? ? ? ? ? WATSON-CRICK  ? ? ? 
hydrog10 hydrog ? ? A G 5  O6 ? ? ? 1_555 A C 23 N4 ? ? A G 5  A C 23 1_555 ? ? ? ? ? ? WATSON-CRICK  ? ? ? 
hydrog11 hydrog ? ? A C 7  N3 ? ? ? 1_555 A G 22 N1 ? ? A C 7  A G 22 1_555 ? ? ? ? ? ? WATSON-CRICK  ? ? ? 
hydrog12 hydrog ? ? A C 7  N4 ? ? ? 1_555 A G 22 O6 ? ? A C 7  A G 22 1_555 ? ? ? ? ? ? WATSON-CRICK  ? ? ? 
hydrog13 hydrog ? ? A C 7  O2 ? ? ? 1_555 A G 22 N2 ? ? A C 7  A G 22 1_555 ? ? ? ? ? ? WATSON-CRICK  ? ? ? 
hydrog14 hydrog ? ? A C 8  N3 ? ? ? 1_555 A G 21 N1 ? ? A C 8  A G 21 1_555 ? ? ? ? ? ? WATSON-CRICK  ? ? ? 
hydrog15 hydrog ? ? A C 8  N4 ? ? ? 1_555 A G 21 O6 ? ? A C 8  A G 21 1_555 ? ? ? ? ? ? WATSON-CRICK  ? ? ? 
hydrog16 hydrog ? ? A C 8  O2 ? ? ? 1_555 A G 21 N2 ? ? A C 8  A G 21 1_555 ? ? ? ? ? ? WATSON-CRICK  ? ? ? 
hydrog17 hydrog ? ? A G 9  N1 ? ? ? 1_555 A C 20 N3 ? ? A G 9  A C 20 1_555 ? ? ? ? ? ? WATSON-CRICK  ? ? ? 
hydrog18 hydrog ? ? A G 9  N2 ? ? ? 1_555 A C 20 O2 ? ? A G 9  A C 20 1_555 ? ? ? ? ? ? WATSON-CRICK  ? ? ? 
hydrog19 hydrog ? ? A G 9  O6 ? ? ? 1_555 A C 20 N4 ? ? A G 9  A C 20 1_555 ? ? ? ? ? ? WATSON-CRICK  ? ? ? 
hydrog20 hydrog ? ? A G 10 N1 ? ? ? 1_555 A C 19 N3 ? ? A G 10 A C 19 1_555 ? ? ? ? ? ? WATSON-CRICK  ? ? ? 
hydrog21 hydrog ? ? A G 10 N2 ? ? ? 1_555 A C 19 O2 ? ? A G 10 A C 19 1_555 ? ? ? ? ? ? WATSON-CRICK  ? ? ? 
hydrog22 hydrog ? ? A G 10 O6 ? ? ? 1_555 A C 19 N4 ? ? A G 10 A C 19 1_555 ? ? ? ? ? ? WATSON-CRICK  ? ? ? 
hydrog23 hydrog ? ? A U 11 N3 ? ? ? 1_555 A A 18 N1 ? ? A U 11 A A 18 1_555 ? ? ? ? ? ? WATSON-CRICK  ? ? ? 
hydrog24 hydrog ? ? A U 11 O4 ? ? ? 1_555 A A 18 N6 ? ? A U 11 A A 18 1_555 ? ? ? ? ? ? WATSON-CRICK  ? ? ? 
hydrog25 hydrog ? ? A C 12 N3 ? ? ? 1_555 A G 17 N1 ? ? A C 12 A G 17 1_555 ? ? ? ? ? ? WATSON-CRICK  ? ? ? 
hydrog26 hydrog ? ? A C 12 N4 ? ? ? 1_555 A G 17 O6 ? ? A C 12 A G 17 1_555 ? ? ? ? ? ? WATSON-CRICK  ? ? ? 
hydrog27 hydrog ? ? A C 12 O2 ? ? ? 1_555 A G 17 N2 ? ? A C 12 A G 17 1_555 ? ? ? ? ? ? WATSON-CRICK  ? ? ? 
hydrog28 hydrog ? ? A U 13 O2 ? ? ? 1_555 A G 16 N1 ? ? A U 13 A G 16 1_555 ? ? ? ? ? ? 'U-G MISPAIR' ? ? ? 
# 
_struct_conn_type.id          hydrog 
_struct_conn_type.criteria    ? 
_struct_conn_type.reference   ? 
# 
loop_
_pdbx_validate_close_contact.id 
_pdbx_validate_close_contact.PDB_model_num 
_pdbx_validate_close_contact.auth_atom_id_1 
_pdbx_validate_close_contact.auth_asym_id_1 
_pdbx_validate_close_contact.auth_comp_id_1 
_pdbx_validate_close_contact.auth_seq_id_1 
_pdbx_validate_close_contact.PDB_ins_code_1 
_pdbx_validate_close_contact.label_alt_id_1 
_pdbx_validate_close_contact.auth_atom_id_2 
_pdbx_validate_close_contact.auth_asym_id_2 
_pdbx_validate_close_contact.auth_comp_id_2 
_pdbx_validate_close_contact.auth_seq_id_2 
_pdbx_validate_close_contact.PDB_ins_code_2 
_pdbx_validate_close_contact.label_alt_id_2 
_pdbx_validate_close_contact.dist 
1 1 O6  A G 5 ? ? H41 A C 23 ? ? 1.58 
2 1 H41 A C 8 ? ? O6  A G 21 ? ? 1.60 
# 
_pdbx_entry_details.entry_id                 2CD1 
_pdbx_entry_details.compound_details         ? 
_pdbx_entry_details.source_details           ? 
_pdbx_entry_details.nonpolymer_details       ? 
_pdbx_entry_details.sequence_details         
;THE SEQUENCE CORRESPONDS TO NUCLEOTIDES 66 TO 73, AND
354 TO 360 OF THE E. COLI RNASE P RNA, WITH TWO G:C PAIRS
ADDED ON THE 5' SIDE OF THE HELIX, AND ONE U:A PAIR,
ONE C:G PAIR AND A UUCG LOOP ADDED ON THE OTHER
SIDE. IN THE PDB ENTRY,NUCLEOTIDES 3-10 CORRESPOND TO
66-73 IN E. COLI RNASE P RNA, AND NUCLEOTIDES 19-25
CORRESPOND TO 334-360.
;
_pdbx_entry_details.has_ligand_of_interest   ? 
# 
_pdbx_nmr_ensemble.entry_id                             2CD1 
_pdbx_nmr_ensemble.conformers_calculated_total_number   50 
_pdbx_nmr_ensemble.conformers_submitted_total_number    1 
_pdbx_nmr_ensemble.conformer_selection_criteria         'LEAST RESTRAINT VIOLATION' 
# 
_pdbx_nmr_sample_details.solution_id   1 
_pdbx_nmr_sample_details.contents      '90% WATER/10% D2O' 
# 
_pdbx_nmr_exptl_sample_conditions.conditions_id          1 
_pdbx_nmr_exptl_sample_conditions.temperature            288.0 
_pdbx_nmr_exptl_sample_conditions.pressure_units         atm 
_pdbx_nmr_exptl_sample_conditions.pressure               1.0 
_pdbx_nmr_exptl_sample_conditions.pH                     6.5 
_pdbx_nmr_exptl_sample_conditions.ionic_strength         100 
_pdbx_nmr_exptl_sample_conditions.ionic_strength_units   mM 
_pdbx_nmr_exptl_sample_conditions.pH_units               pH 
_pdbx_nmr_exptl_sample_conditions.temperature_units      K 
# 
_pdbx_nmr_exptl.experiment_id   1 
_pdbx_nmr_exptl.conditions_id   1 
_pdbx_nmr_exptl.type            '1H-15N HSQC' 
_pdbx_nmr_exptl.solution_id     1 
# 
_pdbx_nmr_details.entry_id   2CD1 
_pdbx_nmr_details.text       
;THE STRUCTURE WAS DETERMINED USING CONSTRAINT DATA FROM HOMONUCLEAR NMR SPECTROSCOPY AS DESCRIBED IN ENTRY 1F6X, AND ADDITIONAL RESIDUAL DIPOLAR COUPLINS FOR THE IMINO RESONANCES DERIVED FROM HSCQ TYPE EXPERIMENTS ACQUIRED IN THE PRESENCE AND ABSENCE OF 22 MG PER ML PF1 PHAGE
;
# 
_pdbx_nmr_refine.entry_id           2CD1 
_pdbx_nmr_refine.method             'RESTRAINED MOLECULAR DYNAMICS' 
_pdbx_nmr_refine.details            
'DETAILS OF THE REFINEMENT PROCEDURE AGAINST RESIDUAL DIPOLAR COUPLINGS ARE GIVEN IN THE PRIMARY REFERENCE CITATION ABOVE' 
_pdbx_nmr_refine.software_ordinal   1 
# 
loop_
_pdbx_nmr_software.classification 
_pdbx_nmr_software.name 
_pdbx_nmr_software.version 
_pdbx_nmr_software.authors 
_pdbx_nmr_software.ordinal 
refinement           Xplor-NIH NIH BRUNGER 1 
'structure solution' Xplor-NIH NIH ?       2 
# 
loop_
_chem_comp_atom.comp_id 
_chem_comp_atom.atom_id 
_chem_comp_atom.type_symbol 
_chem_comp_atom.pdbx_aromatic_flag 
_chem_comp_atom.pdbx_stereo_config 
_chem_comp_atom.pdbx_ordinal 
A OP3    O N N 1   
A P      P N N 2   
A OP1    O N N 3   
A OP2    O N N 4   
A "O5'"  O N N 5   
A "C5'"  C N N 6   
A "C4'"  C N R 7   
A "O4'"  O N N 8   
A "C3'"  C N S 9   
A "O3'"  O N N 10  
A "C2'"  C N R 11  
A "O2'"  O N N 12  
A "C1'"  C N R 13  
A N9     N Y N 14  
A C8     C Y N 15  
A N7     N Y N 16  
A C5     C Y N 17  
A C6     C Y N 18  
A N6     N N N 19  
A N1     N Y N 20  
A C2     C Y N 21  
A N3     N Y N 22  
A C4     C Y N 23  
A HOP3   H N N 24  
A HOP2   H N N 25  
A "H5'"  H N N 26  
A "H5''" H N N 27  
A "H4'"  H N N 28  
A "H3'"  H N N 29  
A "HO3'" H N N 30  
A "H2'"  H N N 31  
A "HO2'" H N N 32  
A "H1'"  H N N 33  
A H8     H N N 34  
A H61    H N N 35  
A H62    H N N 36  
A H2     H N N 37  
C OP3    O N N 38  
C P      P N N 39  
C OP1    O N N 40  
C OP2    O N N 41  
C "O5'"  O N N 42  
C "C5'"  C N N 43  
C "C4'"  C N R 44  
C "O4'"  O N N 45  
C "C3'"  C N S 46  
C "O3'"  O N N 47  
C "C2'"  C N R 48  
C "O2'"  O N N 49  
C "C1'"  C N R 50  
C N1     N N N 51  
C C2     C N N 52  
C O2     O N N 53  
C N3     N N N 54  
C C4     C N N 55  
C N4     N N N 56  
C C5     C N N 57  
C C6     C N N 58  
C HOP3   H N N 59  
C HOP2   H N N 60  
C "H5'"  H N N 61  
C "H5''" H N N 62  
C "H4'"  H N N 63  
C "H3'"  H N N 64  
C "HO3'" H N N 65  
C "H2'"  H N N 66  
C "HO2'" H N N 67  
C "H1'"  H N N 68  
C H41    H N N 69  
C H42    H N N 70  
C H5     H N N 71  
C H6     H N N 72  
G OP3    O N N 73  
G P      P N N 74  
G OP1    O N N 75  
G OP2    O N N 76  
G "O5'"  O N N 77  
G "C5'"  C N N 78  
G "C4'"  C N R 79  
G "O4'"  O N N 80  
G "C3'"  C N S 81  
G "O3'"  O N N 82  
G "C2'"  C N R 83  
G "O2'"  O N N 84  
G "C1'"  C N R 85  
G N9     N Y N 86  
G C8     C Y N 87  
G N7     N Y N 88  
G C5     C Y N 89  
G C6     C N N 90  
G O6     O N N 91  
G N1     N N N 92  
G C2     C N N 93  
G N2     N N N 94  
G N3     N N N 95  
G C4     C Y N 96  
G HOP3   H N N 97  
G HOP2   H N N 98  
G "H5'"  H N N 99  
G "H5''" H N N 100 
G "H4'"  H N N 101 
G "H3'"  H N N 102 
G "HO3'" H N N 103 
G "H2'"  H N N 104 
G "HO2'" H N N 105 
G "H1'"  H N N 106 
G H8     H N N 107 
G H1     H N N 108 
G H21    H N N 109 
G H22    H N N 110 
U OP3    O N N 111 
U P      P N N 112 
U OP1    O N N 113 
U OP2    O N N 114 
U "O5'"  O N N 115 
U "C5'"  C N N 116 
U "C4'"  C N R 117 
U "O4'"  O N N 118 
U "C3'"  C N S 119 
U "O3'"  O N N 120 
U "C2'"  C N R 121 
U "O2'"  O N N 122 
U "C1'"  C N R 123 
U N1     N N N 124 
U C2     C N N 125 
U O2     O N N 126 
U N3     N N N 127 
U C4     C N N 128 
U O4     O N N 129 
U C5     C N N 130 
U C6     C N N 131 
U HOP3   H N N 132 
U HOP2   H N N 133 
U "H5'"  H N N 134 
U "H5''" H N N 135 
U "H4'"  H N N 136 
U "H3'"  H N N 137 
U "HO3'" H N N 138 
U "H2'"  H N N 139 
U "HO2'" H N N 140 
U "H1'"  H N N 141 
U H3     H N N 142 
U H5     H N N 143 
U H6     H N N 144 
# 
loop_
_chem_comp_bond.comp_id 
_chem_comp_bond.atom_id_1 
_chem_comp_bond.atom_id_2 
_chem_comp_bond.value_order 
_chem_comp_bond.pdbx_aromatic_flag 
_chem_comp_bond.pdbx_stereo_config 
_chem_comp_bond.pdbx_ordinal 
A OP3   P      sing N N 1   
A OP3   HOP3   sing N N 2   
A P     OP1    doub N N 3   
A P     OP2    sing N N 4   
A P     "O5'"  sing N N 5   
A OP2   HOP2   sing N N 6   
A "O5'" "C5'"  sing N N 7   
A "C5'" "C4'"  sing N N 8   
A "C5'" "H5'"  sing N N 9   
A "C5'" "H5''" sing N N 10  
A "C4'" "O4'"  sing N N 11  
A "C4'" "C3'"  sing N N 12  
A "C4'" "H4'"  sing N N 13  
A "O4'" "C1'"  sing N N 14  
A "C3'" "O3'"  sing N N 15  
A "C3'" "C2'"  sing N N 16  
A "C3'" "H3'"  sing N N 17  
A "O3'" "HO3'" sing N N 18  
A "C2'" "O2'"  sing N N 19  
A "C2'" "C1'"  sing N N 20  
A "C2'" "H2'"  sing N N 21  
A "O2'" "HO2'" sing N N 22  
A "C1'" N9     sing N N 23  
A "C1'" "H1'"  sing N N 24  
A N9    C8     sing Y N 25  
A N9    C4     sing Y N 26  
A C8    N7     doub Y N 27  
A C8    H8     sing N N 28  
A N7    C5     sing Y N 29  
A C5    C6     sing Y N 30  
A C5    C4     doub Y N 31  
A C6    N6     sing N N 32  
A C6    N1     doub Y N 33  
A N6    H61    sing N N 34  
A N6    H62    sing N N 35  
A N1    C2     sing Y N 36  
A C2    N3     doub Y N 37  
A C2    H2     sing N N 38  
A N3    C4     sing Y N 39  
C OP3   P      sing N N 40  
C OP3   HOP3   sing N N 41  
C P     OP1    doub N N 42  
C P     OP2    sing N N 43  
C P     "O5'"  sing N N 44  
C OP2   HOP2   sing N N 45  
C "O5'" "C5'"  sing N N 46  
C "C5'" "C4'"  sing N N 47  
C "C5'" "H5'"  sing N N 48  
C "C5'" "H5''" sing N N 49  
C "C4'" "O4'"  sing N N 50  
C "C4'" "C3'"  sing N N 51  
C "C4'" "H4'"  sing N N 52  
C "O4'" "C1'"  sing N N 53  
C "C3'" "O3'"  sing N N 54  
C "C3'" "C2'"  sing N N 55  
C "C3'" "H3'"  sing N N 56  
C "O3'" "HO3'" sing N N 57  
C "C2'" "O2'"  sing N N 58  
C "C2'" "C1'"  sing N N 59  
C "C2'" "H2'"  sing N N 60  
C "O2'" "HO2'" sing N N 61  
C "C1'" N1     sing N N 62  
C "C1'" "H1'"  sing N N 63  
C N1    C2     sing N N 64  
C N1    C6     sing N N 65  
C C2    O2     doub N N 66  
C C2    N3     sing N N 67  
C N3    C4     doub N N 68  
C C4    N4     sing N N 69  
C C4    C5     sing N N 70  
C N4    H41    sing N N 71  
C N4    H42    sing N N 72  
C C5    C6     doub N N 73  
C C5    H5     sing N N 74  
C C6    H6     sing N N 75  
G OP3   P      sing N N 76  
G OP3   HOP3   sing N N 77  
G P     OP1    doub N N 78  
G P     OP2    sing N N 79  
G P     "O5'"  sing N N 80  
G OP2   HOP2   sing N N 81  
G "O5'" "C5'"  sing N N 82  
G "C5'" "C4'"  sing N N 83  
G "C5'" "H5'"  sing N N 84  
G "C5'" "H5''" sing N N 85  
G "C4'" "O4'"  sing N N 86  
G "C4'" "C3'"  sing N N 87  
G "C4'" "H4'"  sing N N 88  
G "O4'" "C1'"  sing N N 89  
G "C3'" "O3'"  sing N N 90  
G "C3'" "C2'"  sing N N 91  
G "C3'" "H3'"  sing N N 92  
G "O3'" "HO3'" sing N N 93  
G "C2'" "O2'"  sing N N 94  
G "C2'" "C1'"  sing N N 95  
G "C2'" "H2'"  sing N N 96  
G "O2'" "HO2'" sing N N 97  
G "C1'" N9     sing N N 98  
G "C1'" "H1'"  sing N N 99  
G N9    C8     sing Y N 100 
G N9    C4     sing Y N 101 
G C8    N7     doub Y N 102 
G C8    H8     sing N N 103 
G N7    C5     sing Y N 104 
G C5    C6     sing N N 105 
G C5    C4     doub Y N 106 
G C6    O6     doub N N 107 
G C6    N1     sing N N 108 
G N1    C2     sing N N 109 
G N1    H1     sing N N 110 
G C2    N2     sing N N 111 
G C2    N3     doub N N 112 
G N2    H21    sing N N 113 
G N2    H22    sing N N 114 
G N3    C4     sing N N 115 
U OP3   P      sing N N 116 
U OP3   HOP3   sing N N 117 
U P     OP1    doub N N 118 
U P     OP2    sing N N 119 
U P     "O5'"  sing N N 120 
U OP2   HOP2   sing N N 121 
U "O5'" "C5'"  sing N N 122 
U "C5'" "C4'"  sing N N 123 
U "C5'" "H5'"  sing N N 124 
U "C5'" "H5''" sing N N 125 
U "C4'" "O4'"  sing N N 126 
U "C4'" "C3'"  sing N N 127 
U "C4'" "H4'"  sing N N 128 
U "O4'" "C1'"  sing N N 129 
U "C3'" "O3'"  sing N N 130 
U "C3'" "C2'"  sing N N 131 
U "C3'" "H3'"  sing N N 132 
U "O3'" "HO3'" sing N N 133 
U "C2'" "O2'"  sing N N 134 
U "C2'" "C1'"  sing N N 135 
U "C2'" "H2'"  sing N N 136 
U "O2'" "HO2'" sing N N 137 
U "C1'" N1     sing N N 138 
U "C1'" "H1'"  sing N N 139 
U N1    C2     sing N N 140 
U N1    C6     sing N N 141 
U C2    O2     doub N N 142 
U C2    N3     sing N N 143 
U N3    C4     sing N N 144 
U N3    H3     sing N N 145 
U C4    O4     doub N N 146 
U C4    C5     sing N N 147 
U C5    C6     doub N N 148 
U C5    H5     sing N N 149 
U C6    H6     sing N N 150 
# 
loop_
_ndb_struct_conf_na.entry_id 
_ndb_struct_conf_na.feature 
2CD1 'double helix'         
2CD1 'a-form double helix'  
2CD1 tetraloop              
2CD1 'bulge loop'           
2CD1 'mismatched base pair' 
# 
loop_
_ndb_struct_na_base_pair.model_number 
_ndb_struct_na_base_pair.i_label_asym_id 
_ndb_struct_na_base_pair.i_label_comp_id 
_ndb_struct_na_base_pair.i_label_seq_id 
_ndb_struct_na_base_pair.i_symmetry 
_ndb_struct_na_base_pair.j_label_asym_id 
_ndb_struct_na_base_pair.j_label_comp_id 
_ndb_struct_na_base_pair.j_label_seq_id 
_ndb_struct_na_base_pair.j_symmetry 
_ndb_struct_na_base_pair.shear 
_ndb_struct_na_base_pair.stretch 
_ndb_struct_na_base_pair.stagger 
_ndb_struct_na_base_pair.buckle 
_ndb_struct_na_base_pair.propeller 
_ndb_struct_na_base_pair.opening 
_ndb_struct_na_base_pair.pair_number 
_ndb_struct_na_base_pair.pair_name 
_ndb_struct_na_base_pair.i_auth_asym_id 
_ndb_struct_na_base_pair.i_auth_seq_id 
_ndb_struct_na_base_pair.i_PDB_ins_code 
_ndb_struct_na_base_pair.j_auth_asym_id 
_ndb_struct_na_base_pair.j_auth_seq_id 
_ndb_struct_na_base_pair.j_PDB_ins_code 
_ndb_struct_na_base_pair.hbond_type_28 
_ndb_struct_na_base_pair.hbond_type_12 
1 A G 2  1_555 A C 26 1_555 -0.312 -0.288 0.078  1.862   -7.972  -6.107  1  A_G2:C26_A  A 2  ? A 26 ? 19 1 
1 A A 3  1_555 A U 25 1_555 0.122  -0.158 -0.232 7.315   -21.319 -5.558  2  A_A3:U25_A  A 3  ? A 25 ? 20 1 
1 A A 4  1_555 A U 24 1_555 -0.044 -0.191 -0.654 0.699   -17.578 -0.484  3  A_A4:U24_A  A 4  ? A 24 ? 20 1 
1 A G 5  1_555 A C 23 1_555 -0.302 -0.309 -0.154 2.506   -9.151  -6.057  4  A_G5:C23_A  A 5  ? A 23 ? 19 1 
1 A C 7  1_555 A G 22 1_555 0.155  -0.103 0.054  -5.614  15.311  -0.140  5  A_C7:G22_A  A 7  ? A 22 ? 19 1 
1 A C 8  1_555 A G 21 1_555 0.014  -0.350 0.535  -0.625  -7.848  -8.546  6  A_C8:G21_A  A 8  ? A 21 ? 19 1 
1 A G 9  1_555 A C 20 1_555 -0.208 -0.441 -1.006 2.296   -10.348 -1.516  7  A_G9:C20_A  A 9  ? A 20 ? 19 1 
1 A G 10 1_555 A C 19 1_555 -0.353 -0.556 -0.972 1.137   -20.736 7.622   8  A_G10:C19_A A 10 ? A 19 ? 19 1 
1 A U 11 1_555 A A 18 1_555 -0.326 0.018  -0.664 6.662   -6.424  -3.742  9  A_U11:A18_A A 11 ? A 18 ? 20 1 
1 A C 12 1_555 A G 17 1_555 0.267  -0.583 1.957  -33.350 18.895  -3.049  10 A_C12:G17_A A 12 ? A 17 ? 19 1 
1 A U 13 1_555 A G 16 1_555 1.240  -5.453 0.165  38.926  10.624  -64.885 11 A_U13:G16_A A 13 ? A 16 ? ?  6 
# 
loop_
_ndb_struct_na_base_pair_step.model_number 
_ndb_struct_na_base_pair_step.i_label_asym_id_1 
_ndb_struct_na_base_pair_step.i_label_comp_id_1 
_ndb_struct_na_base_pair_step.i_label_seq_id_1 
_ndb_struct_na_base_pair_step.i_symmetry_1 
_ndb_struct_na_base_pair_step.j_label_asym_id_1 
_ndb_struct_na_base_pair_step.j_label_comp_id_1 
_ndb_struct_na_base_pair_step.j_label_seq_id_1 
_ndb_struct_na_base_pair_step.j_symmetry_1 
_ndb_struct_na_base_pair_step.i_label_asym_id_2 
_ndb_struct_na_base_pair_step.i_label_comp_id_2 
_ndb_struct_na_base_pair_step.i_label_seq_id_2 
_ndb_struct_na_base_pair_step.i_symmetry_2 
_ndb_struct_na_base_pair_step.j_label_asym_id_2 
_ndb_struct_na_base_pair_step.j_label_comp_id_2 
_ndb_struct_na_base_pair_step.j_label_seq_id_2 
_ndb_struct_na_base_pair_step.j_symmetry_2 
_ndb_struct_na_base_pair_step.shift 
_ndb_struct_na_base_pair_step.slide 
_ndb_struct_na_base_pair_step.rise 
_ndb_struct_na_base_pair_step.tilt 
_ndb_struct_na_base_pair_step.roll 
_ndb_struct_na_base_pair_step.twist 
_ndb_struct_na_base_pair_step.x_displacement 
_ndb_struct_na_base_pair_step.y_displacement 
_ndb_struct_na_base_pair_step.helical_rise 
_ndb_struct_na_base_pair_step.inclination 
_ndb_struct_na_base_pair_step.tip 
_ndb_struct_na_base_pair_step.helical_twist 
_ndb_struct_na_base_pair_step.step_number 
_ndb_struct_na_base_pair_step.step_name 
_ndb_struct_na_base_pair_step.i_auth_asym_id_1 
_ndb_struct_na_base_pair_step.i_auth_seq_id_1 
_ndb_struct_na_base_pair_step.i_PDB_ins_code_1 
_ndb_struct_na_base_pair_step.j_auth_asym_id_1 
_ndb_struct_na_base_pair_step.j_auth_seq_id_1 
_ndb_struct_na_base_pair_step.j_PDB_ins_code_1 
_ndb_struct_na_base_pair_step.i_auth_asym_id_2 
_ndb_struct_na_base_pair_step.i_auth_seq_id_2 
_ndb_struct_na_base_pair_step.i_PDB_ins_code_2 
_ndb_struct_na_base_pair_step.j_auth_asym_id_2 
_ndb_struct_na_base_pair_step.j_auth_seq_id_2 
_ndb_struct_na_base_pair_step.j_PDB_ins_code_2 
1 A G 2  1_555 A C 26 1_555 A A 3  1_555 A U 25 1_555 -0.008 -1.000 3.451 2.099   7.636  33.224 -2.941 0.354  3.144 13.124 -3.607  
34.129 1  AA_G2A3:U25C26_AA   A 2  ? A 26 ? A 3  ? A 25 ? 
1 A A 3  1_555 A U 25 1_555 A A 4  1_555 A U 24 1_555 0.953  -0.802 4.215 2.240   -5.677 33.580 -0.179 -1.156 4.341 -9.726 -3.838  
34.114 2  AA_A3A4:U24U25_AA   A 3  ? A 25 ? A 4  ? A 24 ? 
1 A A 4  1_555 A U 24 1_555 A G 5  1_555 A C 23 1_555 -0.352 -1.359 3.624 -3.590  6.490  28.551 -4.152 -0.128 3.261 12.887 7.129   
29.479 3  AA_A4G5:C23U24_AA   A 4  ? A 24 ? A 5  ? A 23 ? 
1 A G 5  1_555 A C 23 1_555 A C 7  1_555 A G 22 1_555 -1.946 -0.460 3.313 -9.625  31.342 55.414 -1.870 1.403  2.981 30.898 9.488   
63.719 4  AA_G5C7:G22C23_AA   A 5  ? A 23 ? A 7  ? A 22 ? 
1 A C 7  1_555 A G 22 1_555 A C 8  1_555 A G 21 1_555 -0.827 -0.835 3.840 -0.032  8.108  35.211 -2.663 1.329  3.567 13.188 0.052   
36.104 5  AA_C7C8:G21G22_AA   A 7  ? A 22 ? A 8  ? A 21 ? 
1 A C 8  1_555 A G 21 1_555 A G 9  1_555 A C 20 1_555 0.153  -0.813 3.868 7.964   3.916  27.659 -2.635 1.753  3.623 7.936  -16.141 
29.022 6  AA_C8G9:C20G21_AA   A 8  ? A 21 ? A 9  ? A 20 ? 
1 A G 9  1_555 A C 20 1_555 A G 10 1_555 A C 19 1_555 0.454  -0.509 3.807 0.756   11.504 30.297 -3.229 -0.663 3.403 21.076 -1.386  
32.368 7  AA_G9G10:C19C20_AA  A 9  ? A 20 ? A 10 ? A 19 ? 
1 A G 10 1_555 A C 19 1_555 A U 11 1_555 A A 18 1_555 -0.793 -1.030 3.159 -4.551  19.542 32.157 -3.871 0.695  2.278 31.720 7.387   
37.763 8  AA_G10U11:A18C19_AA A 10 ? A 19 ? A 11 ? A 18 ? 
1 A U 11 1_555 A A 18 1_555 A C 12 1_555 A G 17 1_555 -0.479 -2.091 4.623 -19.536 22.478 28.202 -6.168 -2.065 2.328 35.854 31.161  
40.795 9  AA_U11C12:G17A18_AA A 11 ? A 18 ? A 12 ? A 17 ? 
1 A C 12 1_555 A G 17 1_555 A U 13 1_555 A G 16 1_555 2.016  -2.030 2.468 -23.248 -0.757 97.169 -1.324 -1.587 2.089 -0.499 15.339  
99.228 10 AA_C12U13:G16G17_AA A 12 ? A 17 ? A 13 ? A 16 ? 
# 
_pdbx_nmr_spectrometer.spectrometer_id   1 
_pdbx_nmr_spectrometer.model             DMX 
_pdbx_nmr_spectrometer.manufacturer      Bruker 
_pdbx_nmr_spectrometer.field_strength    600 
# 
_atom_sites.entry_id                    2CD1 
_atom_sites.fract_transf_matrix[1][1]   1.000000 
_atom_sites.fract_transf_matrix[1][2]   0.000000 
_atom_sites.fract_transf_matrix[1][3]   0.000000 
_atom_sites.fract_transf_matrix[2][1]   0.000000 
_atom_sites.fract_transf_matrix[2][2]   1.000000 
_atom_sites.fract_transf_matrix[2][3]   0.000000 
_atom_sites.fract_transf_matrix[3][1]   0.000000 
_atom_sites.fract_transf_matrix[3][2]   0.000000 
_atom_sites.fract_transf_matrix[3][3]   1.000000 
_atom_sites.fract_transf_vector[1]      0.00000 
_atom_sites.fract_transf_vector[2]      0.00000 
_atom_sites.fract_transf_vector[3]      0.00000 
# 
loop_
_atom_type.symbol 
C 
H 
N 
O 
P 
# 
loop_
_atom_site.group_PDB 
_atom_site.id 
_atom_site.type_symbol 
_atom_site.label_atom_id 
_atom_site.label_alt_id 
_atom_site.label_comp_id 
_atom_site.label_asym_id 
_atom_site.label_entity_id 
_atom_site.label_seq_id 
_atom_site.pdbx_PDB_ins_code 
_atom_site.Cartn_x 
_atom_site.Cartn_y 
_atom_site.Cartn_z 
_atom_site.occupancy 
_atom_site.B_iso_or_equiv 
_atom_site.pdbx_formal_charge 
_atom_site.auth_seq_id 
_atom_site.auth_comp_id 
_atom_site.auth_asym_id 
_atom_site.auth_atom_id 
_atom_site.pdbx_PDB_model_num 
ATOM 1   O "O5'"  . G A 1 1  ? 15.781  15.706  1.954   1.00 0.00 ? 1  G A "O5'"  1 
ATOM 2   C "C5'"  . G A 1 1  ? 15.074  16.124  3.126   1.00 0.00 ? 1  G A "C5'"  1 
ATOM 3   C "C4'"  . G A 1 1  ? 13.568  15.939  2.970   1.00 0.00 ? 1  G A "C4'"  1 
ATOM 4   O "O4'"  . G A 1 1  ? 13.112  16.726  1.869   1.00 0.00 ? 1  G A "O4'"  1 
ATOM 5   C "C3'"  . G A 1 1  ? 13.131  14.526  2.625   1.00 0.00 ? 1  G A "C3'"  1 
ATOM 6   O "O3'"  . G A 1 1  ? 12.806  13.883  3.861   1.00 0.00 ? 1  G A "O3'"  1 
ATOM 7   C "C2'"  . G A 1 1  ? 11.827  14.725  1.870   1.00 0.00 ? 1  G A "C2'"  1 
ATOM 8   O "O2'"  . G A 1 1  ? 10.726  14.757  2.778   1.00 0.00 ? 1  G A "O2'"  1 
ATOM 9   C "C1'"  . G A 1 1  ? 12.011  16.090  1.205   1.00 0.00 ? 1  G A "C1'"  1 
ATOM 10  N N9     . G A 1 1  ? 12.325  15.982  -0.235  1.00 0.00 ? 1  G A N9     1 
ATOM 11  C C8     . G A 1 1  ? 13.031  15.006  -0.891  1.00 0.00 ? 1  G A C8     1 
ATOM 12  N N7     . G A 1 1  ? 13.123  15.198  -2.177  1.00 0.00 ? 1  G A N7     1 
ATOM 13  C C5     . G A 1 1  ? 12.429  16.386  -2.390  1.00 0.00 ? 1  G A C5     1 
ATOM 14  C C6     . G A 1 1  ? 12.190  17.097  -3.597  1.00 0.00 ? 1  G A C6     1 
ATOM 15  O O6     . G A 1 1  ? 12.551  16.810  -4.736  1.00 0.00 ? 1  G A O6     1 
ATOM 16  N N1     . G A 1 1  ? 11.449  18.247  -3.374  1.00 0.00 ? 1  G A N1     1 
ATOM 17  C C2     . G A 1 1  ? 10.994  18.666  -2.144  1.00 0.00 ? 1  G A C2     1 
ATOM 18  N N2     . G A 1 1  ? 10.302  19.806  -2.111  1.00 0.00 ? 1  G A N2     1 
ATOM 19  N N3     . G A 1 1  ? 11.213  18.005  -1.005  1.00 0.00 ? 1  G A N3     1 
ATOM 20  C C4     . G A 1 1  ? 11.936  16.876  -1.205  1.00 0.00 ? 1  G A C4     1 
ATOM 21  H "H5'"  . G A 1 1  ? 15.285  17.177  3.311   1.00 0.00 ? 1  G A "H5'"  1 
ATOM 22  H "H5''" . G A 1 1  ? 15.418  15.536  3.977   1.00 0.00 ? 1  G A "H5''" 1 
ATOM 23  H "H4'"  . G A 1 1  ? 13.074  16.281  3.879   1.00 0.00 ? 1  G A "H4'"  1 
ATOM 24  H "H3'"  . G A 1 1  ? 13.873  13.965  2.060   1.00 0.00 ? 1  G A "H3'"  1 
ATOM 25  H "H2'"  . G A 1 1  ? 11.695  13.949  1.121   1.00 0.00 ? 1  G A "H2'"  1 
ATOM 26  H "HO2'" . G A 1 1  ? 10.431  15.668  2.838   1.00 0.00 ? 1  G A "HO2'" 1 
ATOM 27  H "H1'"  . G A 1 1  ? 11.116  16.697  1.331   1.00 0.00 ? 1  G A "H1'"  1 
ATOM 28  H H8     . G A 1 1  ? 13.474  14.147  -0.385  1.00 0.00 ? 1  G A H8     1 
ATOM 29  H H1     . G A 1 1  ? 11.223  18.812  -4.181  1.00 0.00 ? 1  G A H1     1 
ATOM 30  H H21    . G A 1 1  ? 10.200  20.358  -2.949  1.00 0.00 ? 1  G A H21    1 
ATOM 31  H H22    . G A 1 1  ? 9.887   20.119  -1.246  1.00 0.00 ? 1  G A H22    1 
ATOM 32  H "HO5'" . G A 1 1  ? 16.328  16.442  1.674   1.00 0.00 ? 1  G A "HO5'" 1 
ATOM 33  P P      . G A 1 2  ? 12.223  12.382  3.880   1.00 0.00 ? 2  G A P      1 
ATOM 34  O OP1    . G A 1 2  ? 12.610  11.752  5.163   1.00 0.00 ? 2  G A OP1    1 
ATOM 35  O OP2    . G A 1 2  ? 12.581  11.729  2.601   1.00 0.00 ? 2  G A OP2    1 
ATOM 36  O "O5'"  . G A 1 2  ? 10.631  12.619  3.897   1.00 0.00 ? 2  G A "O5'"  1 
ATOM 37  C "C5'"  . G A 1 2  ? 9.948   12.916  5.119   1.00 0.00 ? 2  G A "C5'"  1 
ATOM 38  C "C4'"  . G A 1 2  ? 8.553   13.472  4.856   1.00 0.00 ? 2  G A "C4'"  1 
ATOM 39  O "O4'"  . G A 1 2  ? 8.627   14.417  3.783   1.00 0.00 ? 2  G A "O4'"  1 
ATOM 40  C "C3'"  . G A 1 2  ? 7.536   12.443  4.386   1.00 0.00 ? 2  G A "C3'"  1 
ATOM 41  O "O3'"  . G A 1 2  ? 6.808   12.013  5.539   1.00 0.00 ? 2  G A "O3'"  1 
ATOM 42  C "C2'"  . G A 1 2  ? 6.581   13.259  3.531   1.00 0.00 ? 2  G A "C2'"  1 
ATOM 43  O "O2'"  . G A 1 2  ? 5.621   13.931  4.352   1.00 0.00 ? 2  G A "O2'"  1 
ATOM 44  C "C1'"  . G A 1 2  ? 7.524   14.264  2.877   1.00 0.00 ? 2  G A "C1'"  1 
ATOM 45  N N9     . G A 1 2  ? 8.049   13.783  1.587   1.00 0.00 ? 2  G A N9     1 
ATOM 46  C C8     . G A 1 2  ? 9.223   13.123  1.343   1.00 0.00 ? 2  G A C8     1 
ATOM 47  N N7     . G A 1 2  ? 9.414   12.839  0.085   1.00 0.00 ? 2  G A N7     1 
ATOM 48  C C5     . G A 1 2  ? 8.288   13.348  -0.550  1.00 0.00 ? 2  G A C5     1 
ATOM 49  C C6     . G A 1 2  ? 7.936   13.338  -1.928  1.00 0.00 ? 2  G A C6     1 
ATOM 50  O O6     . G A 1 2  ? 8.566   12.867  -2.871  1.00 0.00 ? 2  G A O6     1 
ATOM 51  N N1     . G A 1 2  ? 6.717   13.957  -2.149  1.00 0.00 ? 2  G A N1     1 
ATOM 52  C C2     . G A 1 2  ? 5.927   14.517  -1.170  1.00 0.00 ? 2  G A C2     1 
ATOM 53  N N2     . G A 1 2  ? 4.780   15.068  -1.565  1.00 0.00 ? 2  G A N2     1 
ATOM 54  N N3     . G A 1 2  ? 6.247   14.532  0.128   1.00 0.00 ? 2  G A N3     1 
ATOM 55  C C4     . G A 1 2  ? 7.440   13.931  0.362   1.00 0.00 ? 2  G A C4     1 
ATOM 56  H "H5'"  . G A 1 2  ? 10.524  13.652  5.679   1.00 0.00 ? 2  G A "H5'"  1 
ATOM 57  H "H5''" . G A 1 2  ? 9.863   12.004  5.711   1.00 0.00 ? 2  G A "H5''" 1 
ATOM 58  H "H4'"  . G A 1 2  ? 8.198   13.980  5.753   1.00 0.00 ? 2  G A "H4'"  1 
ATOM 59  H "H3'"  . G A 1 2  ? 7.985   11.604  3.854   1.00 0.00 ? 2  G A "H3'"  1 
ATOM 60  H "H2'"  . G A 1 2  ? 6.093   12.636  2.784   1.00 0.00 ? 2  G A "H2'"  1 
ATOM 61  H "HO2'" . G A 1 2  ? 5.965   14.808  4.535   1.00 0.00 ? 2  G A "HO2'" 1 
ATOM 62  H "H1'"  . G A 1 2  ? 7.039   15.225  2.732   1.00 0.00 ? 2  G A "H1'"  1 
ATOM 63  H H8     . G A 1 2  ? 9.941   12.875  2.126   1.00 0.00 ? 2  G A H8     1 
ATOM 64  H H1     . G A 1 2  ? 6.399   14.016  -3.105  1.00 0.00 ? 2  G A H1     1 
ATOM 65  H H21    . G A 1 2  ? 4.533   15.071  -2.546  1.00 0.00 ? 2  G A H21    1 
ATOM 66  H H22    . G A 1 2  ? 4.157   15.481  -0.886  1.00 0.00 ? 2  G A H22    1 
ATOM 67  P P      . A A 1 3  ? 6.189   10.527  5.606   1.00 0.00 ? 3  A A P      1 
ATOM 68  O OP1    . A A 1 3  ? 5.662   10.306  6.971   1.00 0.00 ? 3  A A OP1    1 
ATOM 69  O OP2    . A A 1 3  ? 7.178   9.586   5.035   1.00 0.00 ? 3  A A OP2    1 
ATOM 70  O "O5'"  . A A 1 3  ? 4.941   10.621  4.594   1.00 0.00 ? 3  A A "O5'"  1 
ATOM 71  C "C5'"  . A A 1 3  ? 3.862   11.522  4.855   1.00 0.00 ? 3  A A "C5'"  1 
ATOM 72  C "C4'"  . A A 1 3  ? 2.906   11.612  3.671   1.00 0.00 ? 3  A A "C4'"  1 
ATOM 73  O "O4'"  . A A 1 3  ? 3.567   12.256  2.576   1.00 0.00 ? 3  A A "O4'"  1 
ATOM 74  C "C3'"  . A A 1 3  ? 2.470   10.278  3.098   1.00 0.00 ? 3  A A "C3'"  1 
ATOM 75  O "O3'"  . A A 1 3  ? 1.265   9.899   3.767   1.00 0.00 ? 3  A A "O3'"  1 
ATOM 76  C "C2'"  . A A 1 3  ? 2.096   10.629  1.667   1.00 0.00 ? 3  A A "C2'"  1 
ATOM 77  O "O2'"  . A A 1 3  ? 0.775   11.172  1.613   1.00 0.00 ? 3  A A "O2'"  1 
ATOM 78  C "C1'"  . A A 1 3  ? 3.130   11.701  1.322   1.00 0.00 ? 3  A A "C1'"  1 
ATOM 79  N N9     . A A 1 3  ? 4.299   11.143  0.615   1.00 0.00 ? 3  A A N9     1 
ATOM 80  C C8     . A A 1 3  ? 5.423   10.557  1.141   1.00 0.00 ? 3  A A C8     1 
ATOM 81  N N7     . A A 1 3  ? 6.277   10.161  0.238   1.00 0.00 ? 3  A A N7     1 
ATOM 82  C C5     . A A 1 3  ? 5.675   10.508  -0.966  1.00 0.00 ? 3  A A C5     1 
ATOM 83  C C6     . A A 1 3  ? 6.069   10.360  -2.306  1.00 0.00 ? 3  A A C6     1 
ATOM 84  N N6     . A A 1 3  ? 7.216   9.794   -2.679  1.00 0.00 ? 3  A A N6     1 
ATOM 85  N N1     . A A 1 3  ? 5.236   10.814  -3.256  1.00 0.00 ? 3  A A N1     1 
ATOM 86  C C2     . A A 1 3  ? 4.090   11.379  -2.894  1.00 0.00 ? 3  A A C2     1 
ATOM 87  N N3     . A A 1 3  ? 3.607   11.577  -1.677  1.00 0.00 ? 3  A A N3     1 
ATOM 88  C C4     . A A 1 3  ? 4.468   11.109  -0.748  1.00 0.00 ? 3  A A C4     1 
ATOM 89  H "H5'"  . A A 1 3  ? 4.268   12.513  5.060   1.00 0.00 ? 3  A A "H5'"  1 
ATOM 90  H "H5''" . A A 1 3  ? 3.313   11.174  5.730   1.00 0.00 ? 3  A A "H5''" 1 
ATOM 91  H "H4'"  . A A 1 3  ? 2.040   12.206  3.960   1.00 0.00 ? 3  A A "H4'"  1 
ATOM 92  H "H3'"  . A A 1 3  ? 3.235   9.504   3.168   1.00 0.00 ? 3  A A "H3'"  1 
ATOM 93  H "H2'"  . A A 1 3  ? 2.196   9.767   1.011   1.00 0.00 ? 3  A A "H2'"  1 
ATOM 94  H "HO2'" . A A 1 3  ? 0.770   11.844  0.927   1.00 0.00 ? 3  A A "HO2'" 1 
ATOM 95  H "H1'"  . A A 1 3  ? 2.684   12.487  0.715   1.00 0.00 ? 3  A A "H1'"  1 
ATOM 96  H H8     . A A 1 3  ? 5.586   10.435  2.212   1.00 0.00 ? 3  A A H8     1 
ATOM 97  H H61    . A A 1 3  ? 7.428   9.681   -3.660  1.00 0.00 ? 3  A A H61    1 
ATOM 98  H H62    . A A 1 3  ? 7.875   9.480   -1.980  1.00 0.00 ? 3  A A H62    1 
ATOM 99  H H2     . A A 1 3  ? 3.460   11.726  -3.713  1.00 0.00 ? 3  A A H2     1 
ATOM 100 P P      . A A 1 4  ? 0.732   8.381   3.687   1.00 0.00 ? 4  A A P      1 
ATOM 101 O OP1    . A A 1 4  ? -0.515  8.287   4.478   1.00 0.00 ? 4  A A OP1    1 
ATOM 102 O OP2    . A A 1 4  ? 1.865   7.476   3.984   1.00 0.00 ? 4  A A OP2    1 
ATOM 103 O "O5'"  . A A 1 4  ? 0.354   8.222   2.130   1.00 0.00 ? 4  A A "O5'"  1 
ATOM 104 C "C5'"  . A A 1 4  ? -0.793  8.881   1.589   1.00 0.00 ? 4  A A "C5'"  1 
ATOM 105 C "C4'"  . A A 1 4  ? -0.799  8.839   0.064   1.00 0.00 ? 4  A A "C4'"  1 
ATOM 106 O "O4'"  . A A 1 4  ? 0.489   9.226   -0.420  1.00 0.00 ? 4  A A "O4'"  1 
ATOM 107 C "C3'"  . A A 1 4  ? -1.019  7.463   -0.539  1.00 0.00 ? 4  A A "C3'"  1 
ATOM 108 O "O3'"  . A A 1 4  ? -2.424  7.326   -0.777  1.00 0.00 ? 4  A A "O3'"  1 
ATOM 109 C "C2'"  . A A 1 4  ? -0.348  7.563   -1.900  1.00 0.00 ? 4  A A "C2'"  1 
ATOM 110 O "O2'"  . A A 1 4  ? -1.252  8.113   -2.863  1.00 0.00 ? 4  A A "O2'"  1 
ATOM 111 C "C1'"  . A A 1 4  ? 0.807   8.533   -1.638  1.00 0.00 ? 4  A A "C1'"  1 
ATOM 112 N N9     . A A 1 4  ? 2.094   7.836   -1.462  1.00 0.00 ? 4  A A N9     1 
ATOM 113 C C8     . A A 1 4  ? 2.671   7.372   -0.305  1.00 0.00 ? 4  A A C8     1 
ATOM 114 N N7     . A A 1 4  ? 3.828   6.801   -0.491  1.00 0.00 ? 4  A A N7     1 
ATOM 115 C C5     . A A 1 4  ? 4.030   6.894   -1.864  1.00 0.00 ? 4  A A C5     1 
ATOM 116 C C6     . A A 1 4  ? 5.075   6.477   -2.702  1.00 0.00 ? 4  A A C6     1 
ATOM 117 N N6     . A A 1 4  ? 6.170   5.857   -2.263  1.00 0.00 ? 4  A A N6     1 
ATOM 118 N N1     . A A 1 4  ? 4.959   6.725   -4.016  1.00 0.00 ? 4  A A N1     1 
ATOM 119 C C2     . A A 1 4  ? 3.875   7.347   -4.462  1.00 0.00 ? 4  A A C2     1 
ATOM 120 N N3     . A A 1 4  ? 2.829   7.790   -3.782  1.00 0.00 ? 4  A A N3     1 
ATOM 121 C C4     . A A 1 4  ? 2.979   7.523   -2.466  1.00 0.00 ? 4  A A C4     1 
ATOM 122 H "H5'"  . A A 1 4  ? -0.793  9.922   1.915   1.00 0.00 ? 4  A A "H5'"  1 
ATOM 123 H "H5''" . A A 1 4  ? -1.694  8.392   1.962   1.00 0.00 ? 4  A A "H5''" 1 
ATOM 124 H "H4'"  . A A 1 4  ? -1.544  9.544   -0.307  1.00 0.00 ? 4  A A "H4'"  1 
ATOM 125 H "H3'"  . A A 1 4  ? -0.631  6.653   0.078   1.00 0.00 ? 4  A A "H3'"  1 
ATOM 126 H "H2'"  . A A 1 4  ? 0.025   6.593   -2.223  1.00 0.00 ? 4  A A "H2'"  1 
ATOM 127 H "HO2'" . A A 1 4  ? -0.750  8.720   -3.412  1.00 0.00 ? 4  A A "HO2'" 1 
ATOM 128 H "H1'"  . A A 1 4  ? 0.898   9.254   -2.448  1.00 0.00 ? 4  A A "H1'"  1 
ATOM 129 H H8     . A A 1 4  ? 2.203   7.470   0.674   1.00 0.00 ? 4  A A H8     1 
ATOM 130 H H61    . A A 1 4  ? 6.888   5.575   -2.915  1.00 0.00 ? 4  A A H61    1 
ATOM 131 H H62    . A A 1 4  ? 6.284   5.670   -1.277  1.00 0.00 ? 4  A A H62    1 
ATOM 132 H H2     . A A 1 4  ? 3.842   7.520   -5.538  1.00 0.00 ? 4  A A H2     1 
ATOM 133 P P      . G A 1 5  ? -3.088  5.868   -0.956  1.00 0.00 ? 5  G A P      1 
ATOM 134 O OP1    . G A 1 5  ? -4.554  6.040   -1.065  1.00 0.00 ? 5  G A OP1    1 
ATOM 135 O OP2    . G A 1 5  ? -2.524  4.974   0.079   1.00 0.00 ? 5  G A OP2    1 
ATOM 136 O "O5'"  . G A 1 5  ? -2.530  5.394   -2.392  1.00 0.00 ? 5  G A "O5'"  1 
ATOM 137 C "C5'"  . G A 1 5  ? -3.215  5.754   -3.595  1.00 0.00 ? 5  G A "C5'"  1 
ATOM 138 C "C4'"  . G A 1 5  ? -2.397  5.383   -4.839  1.00 0.00 ? 5  G A "C4'"  1 
ATOM 139 O "O4'"  . G A 1 5  ? -1.013  5.388   -4.489  1.00 0.00 ? 5  G A "O4'"  1 
ATOM 140 C "C3'"  . G A 1 5  ? -2.666  3.982   -5.409  1.00 0.00 ? 5  G A "C3'"  1 
ATOM 141 O "O3'"  . G A 1 5  ? -3.006  4.163   -6.785  1.00 0.00 ? 5  G A "O3'"  1 
ATOM 142 C "C2'"  . G A 1 5  ? -1.322  3.250   -5.387  1.00 0.00 ? 5  G A "C2'"  1 
ATOM 143 O "O2'"  . G A 1 5  ? -1.104  2.579   -6.632  1.00 0.00 ? 5  G A "O2'"  1 
ATOM 144 C "C1'"  . G A 1 5  ? -0.317  4.379   -5.213  1.00 0.00 ? 5  G A "C1'"  1 
ATOM 145 N N9     . G A 1 5  ? 0.857   3.965   -4.423  1.00 0.00 ? 5  G A N9     1 
ATOM 146 C C8     . G A 1 5  ? 1.004   3.948   -3.060  1.00 0.00 ? 5  G A C8     1 
ATOM 147 N N7     . G A 1 5  ? 2.168   3.521   -2.662  1.00 0.00 ? 5  G A N7     1 
ATOM 148 C C5     . G A 1 5  ? 2.842   3.234   -3.844  1.00 0.00 ? 5  G A C5     1 
ATOM 149 C C6     . G A 1 5  ? 4.156   2.732   -4.043  1.00 0.00 ? 5  G A C6     1 
ATOM 150 O O6     . G A 1 5  ? 4.992   2.433   -3.194  1.00 0.00 ? 5  G A O6     1 
ATOM 151 N N1     . G A 1 5  ? 4.450   2.588   -5.388  1.00 0.00 ? 5  G A N1     1 
ATOM 152 C C2     . G A 1 5  ? 3.588   2.882   -6.420  1.00 0.00 ? 5  G A C2     1 
ATOM 153 N N2     . G A 1 5  ? 4.038   2.676   -7.658  1.00 0.00 ? 5  G A N2     1 
ATOM 154 N N3     . G A 1 5  ? 2.349   3.352   -6.247  1.00 0.00 ? 5  G A N3     1 
ATOM 155 C C4     . G A 1 5  ? 2.047   3.503   -4.933  1.00 0.00 ? 5  G A C4     1 
ATOM 156 H "H5'"  . G A 1 5  ? -3.394  6.831   -3.588  1.00 0.00 ? 5  G A "H5'"  1 
ATOM 157 H "H5''" . G A 1 5  ? -4.175  5.238   -3.625  1.00 0.00 ? 5  G A "H5''" 1 
ATOM 158 H "H4'"  . G A 1 5  ? -2.564  6.137   -5.611  1.00 0.00 ? 5  G A "H4'"  1 
ATOM 159 H "H3'"  . G A 1 5  ? -3.450  3.443   -4.876  1.00 0.00 ? 5  G A "H3'"  1 
ATOM 160 H "H2'"  . G A 1 5  ? -1.272  2.551   -4.554  1.00 0.00 ? 5  G A "H2'"  1 
ATOM 161 H "HO2'" . G A 1 5  ? -1.848  1.989   -6.772  1.00 0.00 ? 5  G A "HO2'" 1 
ATOM 162 H "H1'"  . G A 1 5  ? 0.007   4.774   -6.176  1.00 0.00 ? 5  G A "H1'"  1 
ATOM 163 H H8     . G A 1 5  ? 0.220   4.268   -2.373  1.00 0.00 ? 5  G A H8     1 
ATOM 164 H H1     . G A 1 5  ? 5.373   2.252   -5.624  1.00 0.00 ? 5  G A H1     1 
ATOM 165 H H21    . G A 1 5  ? 4.957   2.282   -7.802  1.00 0.00 ? 5  G A H21    1 
ATOM 166 H H22    . G A 1 5  ? 3.460   2.914   -8.452  1.00 0.00 ? 5  G A H22    1 
ATOM 167 P P      . U A 1 6  ? -4.445  4.749   -7.204  1.00 0.00 ? 6  U A P      1 
ATOM 168 O OP1    . U A 1 6  ? -4.232  5.891   -8.120  1.00 0.00 ? 6  U A OP1    1 
ATOM 169 O OP2    . U A 1 6  ? -5.247  4.929   -5.973  1.00 0.00 ? 6  U A OP2    1 
ATOM 170 O "O5'"  . U A 1 6  ? -5.082  3.537   -8.049  1.00 0.00 ? 6  U A "O5'"  1 
ATOM 171 C "C5'"  . U A 1 6  ? -5.053  3.552   -9.479  1.00 0.00 ? 6  U A "C5'"  1 
ATOM 172 C "C4'"  . U A 1 6  ? -3.732  3.000   -10.019 1.00 0.00 ? 6  U A "C4'"  1 
ATOM 173 O "O4'"  . U A 1 6  ? -2.861  4.079   -10.321 1.00 0.00 ? 6  U A "O4'"  1 
ATOM 174 C "C3'"  . U A 1 6  ? -2.935  2.151   -9.030  1.00 0.00 ? 6  U A "C3'"  1 
ATOM 175 O "O3'"  . U A 1 6  ? -3.050  0.794   -9.468  1.00 0.00 ? 6  U A "O3'"  1 
ATOM 176 C "C2'"  . U A 1 6  ? -1.465  2.554   -9.236  1.00 0.00 ? 6  U A "C2'"  1 
ATOM 177 O "O2'"  . U A 1 6  ? -0.695  1.427   -9.655  1.00 0.00 ? 6  U A "O2'"  1 
ATOM 178 C "C1'"  . U A 1 6  ? -1.529  3.587   -10.356 1.00 0.00 ? 6  U A "C1'"  1 
ATOM 179 N N1     . U A 1 6  ? -0.592  4.714   -10.144 1.00 0.00 ? 6  U A N1     1 
ATOM 180 C C2     . U A 1 6  ? 0.702   4.576   -10.620 1.00 0.00 ? 6  U A C2     1 
ATOM 181 O O2     . U A 1 6  ? 1.085   3.565   -11.204 1.00 0.00 ? 6  U A O2     1 
ATOM 182 N N3     . U A 1 6  ? 1.545   5.648   -10.401 1.00 0.00 ? 6  U A N3     1 
ATOM 183 C C4     . U A 1 6  ? 1.214   6.826   -9.759  1.00 0.00 ? 6  U A C4     1 
ATOM 184 O O4     . U A 1 6  ? 2.057   7.710   -9.624  1.00 0.00 ? 6  U A O4     1 
ATOM 185 C C5     . U A 1 6  ? -0.152  6.893   -9.291  1.00 0.00 ? 6  U A C5     1 
ATOM 186 C C6     . U A 1 6  ? -0.997  5.852   -9.496  1.00 0.00 ? 6  U A C6     1 
ATOM 187 H "H5'"  . U A 1 6  ? -5.175  4.579   -9.825  1.00 0.00 ? 6  U A "H5'"  1 
ATOM 188 H "H5''" . U A 1 6  ? -5.881  2.950   -9.856  1.00 0.00 ? 6  U A "H5''" 1 
ATOM 189 H "H4'"  . U A 1 6  ? -3.925  2.436   -10.935 1.00 0.00 ? 6  U A "H4'"  1 
ATOM 190 H "H3'"  . U A 1 6  ? -3.269  2.270   -7.999  1.00 0.00 ? 6  U A "H3'"  1 
ATOM 191 H "H2'"  . U A 1 6  ? -1.052  2.992   -8.326  1.00 0.00 ? 6  U A "H2'"  1 
ATOM 192 H "HO2'" . U A 1 6  ? 0.085   1.764   -10.101 1.00 0.00 ? 6  U A "HO2'" 1 
ATOM 193 H "H1'"  . U A 1 6  ? -1.341  3.122   -11.324 1.00 0.00 ? 6  U A "H1'"  1 
ATOM 194 H H3     . U A 1 6  ? 2.491   5.562   -10.743 1.00 0.00 ? 6  U A H3     1 
ATOM 195 H H5     . U A 1 6  ? -0.505  7.785   -8.774  1.00 0.00 ? 6  U A H5     1 
ATOM 196 H H6     . U A 1 6  ? -2.022  5.919   -9.132  1.00 0.00 ? 6  U A H6     1 
ATOM 197 P P      . C A 1 7  ? -3.708  -0.330  -8.520  1.00 0.00 ? 7  C A P      1 
ATOM 198 O OP1    . C A 1 7  ? -5.082  0.099   -8.173  1.00 0.00 ? 7  C A OP1    1 
ATOM 199 O OP2    . C A 1 7  ? -2.743  -0.660  -7.448  1.00 0.00 ? 7  C A OP2    1 
ATOM 200 O "O5'"  . C A 1 7  ? -3.810  -1.596  -9.513  1.00 0.00 ? 7  C A "O5'"  1 
ATOM 201 C "C5'"  . C A 1 7  ? -3.063  -1.630  -10.736 1.00 0.00 ? 7  C A "C5'"  1 
ATOM 202 C "C4'"  . C A 1 7  ? -1.854  -2.564  -10.628 1.00 0.00 ? 7  C A "C4'"  1 
ATOM 203 O "O4'"  . C A 1 7  ? -0.673  -1.789  -10.432 1.00 0.00 ? 7  C A "O4'"  1 
ATOM 204 C "C3'"  . C A 1 7  ? -1.880  -3.495  -9.435  1.00 0.00 ? 7  C A "C3'"  1 
ATOM 205 O "O3'"  . C A 1 7  ? -2.499  -4.709  -9.868  1.00 0.00 ? 7  C A "O3'"  1 
ATOM 206 C "C2'"  . C A 1 7  ? -0.409  -3.805  -9.194  1.00 0.00 ? 7  C A "C2'"  1 
ATOM 207 O "O2'"  . C A 1 7  ? 0.007   -4.912  -9.996  1.00 0.00 ? 7  C A "O2'"  1 
ATOM 208 C "C1'"  . C A 1 7  ? 0.289   -2.519  -9.650  1.00 0.00 ? 7  C A "C1'"  1 
ATOM 209 N N1     . C A 1 7  ? 0.725   -1.682  -8.510  1.00 0.00 ? 7  C A N1     1 
ATOM 210 C C2     . C A 1 7  ? 1.869   -2.072  -7.828  1.00 0.00 ? 7  C A C2     1 
ATOM 211 O O2     . C A 1 7  ? 2.474   -3.087  -8.168  1.00 0.00 ? 7  C A O2     1 
ATOM 212 N N3     . C A 1 7  ? 2.301   -1.311  -6.785  1.00 0.00 ? 7  C A N3     1 
ATOM 213 C C4     . C A 1 7  ? 1.635   -0.206  -6.423  1.00 0.00 ? 7  C A C4     1 
ATOM 214 N N4     . C A 1 7  ? 2.107   0.497   -5.393  1.00 0.00 ? 7  C A N4     1 
ATOM 215 C C5     . C A 1 7  ? 0.454   0.203   -7.122  1.00 0.00 ? 7  C A C5     1 
ATOM 216 C C6     . C A 1 7  ? 0.037   -0.560  -8.149  1.00 0.00 ? 7  C A C6     1 
ATOM 217 H "H5'"  . C A 1 7  ? -2.712  -0.624  -10.972 1.00 0.00 ? 7  C A "H5'"  1 
ATOM 218 H "H5''" . C A 1 7  ? -3.719  -1.974  -11.539 1.00 0.00 ? 7  C A "H5''" 1 
ATOM 219 H "H4'"  . C A 1 7  ? -1.751  -3.132  -11.555 1.00 0.00 ? 7  C A "H4'"  1 
ATOM 220 H "H3'"  . C A 1 7  ? -2.382  -3.071  -8.565  1.00 0.00 ? 7  C A "H3'"  1 
ATOM 221 H "H2'"  . C A 1 7  ? -0.222  -3.993  -8.138  1.00 0.00 ? 7  C A "H2'"  1 
ATOM 222 H "HO2'" . C A 1 7  ? -0.582  -4.954  -10.753 1.00 0.00 ? 7  C A "HO2'" 1 
ATOM 223 H "H1'"  . C A 1 7  ? 1.151   -2.752  -10.275 1.00 0.00 ? 7  C A "H1'"  1 
ATOM 224 H H41    . C A 1 7  ? 2.945   0.192   -4.914  1.00 0.00 ? 7  C A H41    1 
ATOM 225 H H42    . C A 1 7  ? 1.630   1.333   -5.091  1.00 0.00 ? 7  C A H42    1 
ATOM 226 H H5     . C A 1 7  ? -0.091  1.107   -6.848  1.00 0.00 ? 7  C A H5     1 
ATOM 227 H H6     . C A 1 7  ? -0.863  -0.279  -8.695  1.00 0.00 ? 7  C A H6     1 
ATOM 228 P P      . C A 1 8  ? -3.139  -5.727  -8.797  1.00 0.00 ? 8  C A P      1 
ATOM 229 O OP1    . C A 1 8  ? -4.094  -6.606  -9.508  1.00 0.00 ? 8  C A OP1    1 
ATOM 230 O OP2    . C A 1 8  ? -3.587  -4.945  -7.624  1.00 0.00 ? 8  C A OP2    1 
ATOM 231 O "O5'"  . C A 1 8  ? -1.870  -6.614  -8.357  1.00 0.00 ? 8  C A "O5'"  1 
ATOM 232 C "C5'"  . C A 1 8  ? -1.539  -7.810  -9.067  1.00 0.00 ? 8  C A "C5'"  1 
ATOM 233 C "C4'"  . C A 1 8  ? -0.324  -8.502  -8.460  1.00 0.00 ? 8  C A "C4'"  1 
ATOM 234 O "O4'"  . C A 1 8  ? 0.720   -7.541  -8.266  1.00 0.00 ? 8  C A "O4'"  1 
ATOM 235 C "C3'"  . C A 1 8  ? -0.550  -9.087  -7.076  1.00 0.00 ? 8  C A "C3'"  1 
ATOM 236 O "O3'"  . C A 1 8  ? -0.930  -10.454 -7.250  1.00 0.00 ? 8  C A "O3'"  1 
ATOM 237 C "C2'"  . C A 1 8  ? 0.843   -9.080  -6.473  1.00 0.00 ? 8  C A "C2'"  1 
ATOM 238 O "O2'"  . C A 1 8  ? 1.600   -10.200 -6.939  1.00 0.00 ? 8  C A "O2'"  1 
ATOM 239 C "C1'"  . C A 1 8  ? 1.415   -7.778  -7.029  1.00 0.00 ? 8  C A "C1'"  1 
ATOM 240 N N1     . C A 1 8  ? 1.175   -6.631  -6.124  1.00 0.00 ? 8  C A N1     1 
ATOM 241 C C2     . C A 1 8  ? 2.102   -6.387  -5.121  1.00 0.00 ? 8  C A C2     1 
ATOM 242 O O2     . C A 1 8  ? 3.088   -7.112  -5.001  1.00 0.00 ? 8  C A O2     1 
ATOM 243 N N3     . C A 1 8  ? 1.895   -5.336  -4.280  1.00 0.00 ? 8  C A N3     1 
ATOM 244 C C4     . C A 1 8  ? 0.817   -4.552  -4.418  1.00 0.00 ? 8  C A C4     1 
ATOM 245 N N4     . C A 1 8  ? 0.669   -3.538  -3.567  1.00 0.00 ? 8  C A N4     1 
ATOM 246 C C5     . C A 1 8  ? -0.142  -4.798  -5.449  1.00 0.00 ? 8  C A C5     1 
ATOM 247 C C6     . C A 1 8  ? 0.074   -5.840  -6.275  1.00 0.00 ? 8  C A C6     1 
ATOM 248 H "H5'"  . C A 1 8  ? -1.324  -7.560  -10.106 1.00 0.00 ? 8  C A "H5'"  1 
ATOM 249 H "H5''" . C A 1 8  ? -2.390  -8.491  -9.035  1.00 0.00 ? 8  C A "H5''" 1 
ATOM 250 H "H4'"  . C A 1 8  ? 0.026   -9.272  -9.149  1.00 0.00 ? 8  C A "H4'"  1 
ATOM 251 H "H3'"  . C A 1 8  ? -1.281  -8.533  -6.487  1.00 0.00 ? 8  C A "H3'"  1 
ATOM 252 H "H2'"  . C A 1 8  ? 0.802   -9.055  -5.386  1.00 0.00 ? 8  C A "H2'"  1 
ATOM 253 H "HO2'" . C A 1 8  ? 2.281   -9.861  -7.524  1.00 0.00 ? 8  C A "HO2'" 1 
ATOM 254 H "H1'"  . C A 1 8  ? 2.483   -7.876  -7.228  1.00 0.00 ? 8  C A "H1'"  1 
ATOM 255 H H41    . C A 1 8  ? 1.352   -3.388  -2.838  1.00 0.00 ? 8  C A H41    1 
ATOM 256 H H42    . C A 1 8  ? -0.125  -2.919  -3.651  1.00 0.00 ? 8  C A H42    1 
ATOM 257 H H5     . C A 1 8  ? -1.023  -4.167  -5.572  1.00 0.00 ? 8  C A H5     1 
ATOM 258 H H6     . C A 1 8  ? -0.639  -6.054  -7.070  1.00 0.00 ? 8  C A H6     1 
ATOM 259 P P      . G A 1 9  ? -1.797  -11.206 -6.121  1.00 0.00 ? 9  G A P      1 
ATOM 260 O OP1    . G A 1 9  ? -2.162  -12.546 -6.633  1.00 0.00 ? 9  G A OP1    1 
ATOM 261 O OP2    . G A 1 9  ? -2.853  -10.281 -5.655  1.00 0.00 ? 9  G A OP2    1 
ATOM 262 O "O5'"  . G A 1 9  ? -0.731  -11.395 -4.929  1.00 0.00 ? 9  G A "O5'"  1 
ATOM 263 C "C5'"  . G A 1 9  ? 0.329   -12.347 -5.052  1.00 0.00 ? 9  G A "C5'"  1 
ATOM 264 C "C4'"  . G A 1 9  ? 1.308   -12.252 -3.887  1.00 0.00 ? 9  G A "C4'"  1 
ATOM 265 O "O4'"  . G A 1 9  ? 1.890   -10.944 -3.857  1.00 0.00 ? 9  G A "O4'"  1 
ATOM 266 C "C3'"  . G A 1 9  ? 0.685   -12.401 -2.513  1.00 0.00 ? 9  G A "C3'"  1 
ATOM 267 O "O3'"  . G A 1 9  ? 0.726   -13.789 -2.174  1.00 0.00 ? 9  G A "O3'"  1 
ATOM 268 C "C2'"  . G A 1 9  ? 1.681   -11.688 -1.615  1.00 0.00 ? 9  G A "C2'"  1 
ATOM 269 O "O2'"  . G A 1 9  ? 2.789   -12.541 -1.317  1.00 0.00 ? 9  G A "O2'"  1 
ATOM 270 C "C1'"  . G A 1 9  ? 2.124   -10.524 -2.499  1.00 0.00 ? 9  G A "C1'"  1 
ATOM 271 N N9     . G A 1 9  ? 1.348   -9.295  -2.241  1.00 0.00 ? 9  G A N9     1 
ATOM 272 C C8     . G A 1 9  ? 0.136   -8.922  -2.764  1.00 0.00 ? 9  G A C8     1 
ATOM 273 N N7     . G A 1 9  ? -0.286  -7.764  -2.336  1.00 0.00 ? 9  G A N7     1 
ATOM 274 C C5     . G A 1 9  ? 0.716   -7.341  -1.468  1.00 0.00 ? 9  G A C5     1 
ATOM 275 C C6     . G A 1 9  ? 0.812   -6.147  -0.701  1.00 0.00 ? 9  G A C6     1 
ATOM 276 O O6     . G A 1 9  ? 0.015   -5.215  -0.640  1.00 0.00 ? 9  G A O6     1 
ATOM 277 N N1     . G A 1 9  ? 1.983   -6.110  0.040   1.00 0.00 ? 9  G A N1     1 
ATOM 278 C C2     . G A 1 9  ? 2.944   -7.094  0.048   1.00 0.00 ? 9  G A C2     1 
ATOM 279 N N2     . G A 1 9  ? 4.006   -6.895  0.829   1.00 0.00 ? 9  G A N2     1 
ATOM 280 N N3     . G A 1 9  ? 2.864   -8.220  -0.669  1.00 0.00 ? 9  G A N3     1 
ATOM 281 C C4     . G A 1 9  ? 1.724   -8.273  -1.402  1.00 0.00 ? 9  G A C4     1 
ATOM 282 H "H5'"  . G A 1 9  ? 0.865   -12.165 -5.982  1.00 0.00 ? 9  G A "H5'"  1 
ATOM 283 H "H5''" . G A 1 9  ? -0.097  -13.350 -5.077  1.00 0.00 ? 9  G A "H5''" 1 
ATOM 284 H "H4'"  . G A 1 9  ? 2.100   -12.988 -4.030  1.00 0.00 ? 9  G A "H4'"  1 
ATOM 285 H "H3'"  . G A 1 9  ? -0.325  -11.996 -2.448  1.00 0.00 ? 9  G A "H3'"  1 
ATOM 286 H "H2'"  . G A 1 9  ? 1.204   -11.327 -0.706  1.00 0.00 ? 9  G A "H2'"  1 
ATOM 287 H "HO2'" . G A 1 9  ? 3.383   -12.511 -2.070  1.00 0.00 ? 9  G A "HO2'" 1 
ATOM 288 H "H1'"  . G A 1 9  ? 3.183   -10.315 -2.363  1.00 0.00 ? 9  G A "H1'"  1 
ATOM 289 H H8     . G A 1 9  ? -0.423  -9.534  -3.471  1.00 0.00 ? 9  G A H8     1 
ATOM 290 H H1     . G A 1 9  ? 2.140   -5.290  0.610   1.00 0.00 ? 9  G A H1     1 
ATOM 291 H H21    . G A 1 9  ? 4.042   -6.089  1.438   1.00 0.00 ? 9  G A H21    1 
ATOM 292 H H22    . G A 1 9  ? 4.774   -7.551  0.815   1.00 0.00 ? 9  G A H22    1 
ATOM 293 P P      . G A 1 10 ? -0.209  -14.368 -0.999  1.00 0.00 ? 10 G A P      1 
ATOM 294 O OP1    . G A 1 10 ? -0.007  -15.833 -0.925  1.00 0.00 ? 10 G A OP1    1 
ATOM 295 O OP2    . G A 1 10 ? -1.571  -13.819 -1.178  1.00 0.00 ? 10 G A OP2    1 
ATOM 296 O "O5'"  . G A 1 10 ? 0.434   -13.705 0.319   1.00 0.00 ? 10 G A "O5'"  1 
ATOM 297 C "C5'"  . G A 1 10 ? 1.638   -14.233 0.880   1.00 0.00 ? 10 G A "C5'"  1 
ATOM 298 C "C4'"  . G A 1 10 ? 2.080   -13.450 2.111   1.00 0.00 ? 10 G A "C4'"  1 
ATOM 299 O "O4'"  . G A 1 10 ? 2.270   -12.073 1.759   1.00 0.00 ? 10 G A "O4'"  1 
ATOM 300 C "C3'"  . G A 1 10 ? 1.063   -13.395 3.235   1.00 0.00 ? 10 G A "C3'"  1 
ATOM 301 O "O3'"  . G A 1 10 ? 1.313   -14.508 4.096   1.00 0.00 ? 10 G A "O3'"  1 
ATOM 302 C "C2'"  . G A 1 10 ? 1.473   -12.141 3.987   1.00 0.00 ? 10 G A "C2'"  1 
ATOM 303 O "O2'"  . G A 1 10 ? 2.599   -12.404 4.828   1.00 0.00 ? 10 G A "O2'"  1 
ATOM 304 C "C1'"  . G A 1 10 ? 1.862   -11.213 2.840   1.00 0.00 ? 10 G A "C1'"  1 
ATOM 305 N N9     . G A 1 10 ? 0.730   -10.382 2.387   1.00 0.00 ? 10 G A N9     1 
ATOM 306 C C8     . G A 1 10 ? -0.260  -10.699 1.492   1.00 0.00 ? 10 G A C8     1 
ATOM 307 N N7     . G A 1 10 ? -1.116  -9.738  1.294   1.00 0.00 ? 10 G A N7     1 
ATOM 308 C C5     . G A 1 10 ? -0.666  -8.711  2.117   1.00 0.00 ? 10 G A C5     1 
ATOM 309 C C6     . G A 1 10 ? -1.198  -7.408  2.323   1.00 0.00 ? 10 G A C6     1 
ATOM 310 O O6     . G A 1 10 ? -2.192  -6.901  1.808   1.00 0.00 ? 10 G A O6     1 
ATOM 311 N N1     . G A 1 10 ? -0.442  -6.686  3.233   1.00 0.00 ? 10 G A N1     1 
ATOM 312 C C2     . G A 1 10 ? 0.685   -7.152  3.870   1.00 0.00 ? 10 G A C2     1 
ATOM 313 N N2     . G A 1 10 ? 1.282   -6.324  4.726   1.00 0.00 ? 10 G A N2     1 
ATOM 314 N N3     . G A 1 10 ? 1.194   -8.374  3.683   1.00 0.00 ? 10 G A N3     1 
ATOM 315 C C4     . G A 1 10 ? 0.467   -9.095  2.794   1.00 0.00 ? 10 G A C4     1 
ATOM 316 H "H5'"  . G A 1 10 ? 2.428   -14.190 0.129   1.00 0.00 ? 10 G A "H5'"  1 
ATOM 317 H "H5''" . G A 1 10 ? 1.472   -15.273 1.161   1.00 0.00 ? 10 G A "H5''" 1 
ATOM 318 H "H4'"  . G A 1 10 ? 3.024   -13.857 2.469   1.00 0.00 ? 10 G A "H4'"  1 
ATOM 319 H "H3'"  . G A 1 10 ? 0.030   -13.374 2.886   1.00 0.00 ? 10 G A "H3'"  1 
ATOM 320 H "H2'"  . G A 1 10 ? 0.641   -11.732 4.554   1.00 0.00 ? 10 G A "H2'"  1 
ATOM 321 H "HO2'" . G A 1 10 ? 3.277   -11.760 4.608   1.00 0.00 ? 10 G A "HO2'" 1 
ATOM 322 H "H1'"  . G A 1 10 ? 2.694   -10.569 3.125   1.00 0.00 ? 10 G A "H1'"  1 
ATOM 323 H H8     . G A 1 10 ? -0.328  -11.669 1.000   1.00 0.00 ? 10 G A H8     1 
ATOM 324 H H1     . G A 1 10 ? -0.734  -5.738  3.422   1.00 0.00 ? 10 G A H1     1 
ATOM 325 H H21    . G A 1 10 ? 0.862   -5.428  4.938   1.00 0.00 ? 10 G A H21    1 
ATOM 326 H H22    . G A 1 10 ? 2.150   -6.591  5.166   1.00 0.00 ? 10 G A H22    1 
ATOM 327 P P      . U A 1 11 ? 0.108   -15.182 4.924   1.00 0.00 ? 11 U A P      1 
ATOM 328 O OP1    . U A 1 11 ? 0.609   -16.434 5.535   1.00 0.00 ? 11 U A OP1    1 
ATOM 329 O OP2    . U A 1 11 ? -1.091  -15.213 4.056   1.00 0.00 ? 11 U A OP2    1 
ATOM 330 O "O5'"  . U A 1 11 ? -0.150  -14.115 6.103   1.00 0.00 ? 11 U A "O5'"  1 
ATOM 331 C "C5'"  . U A 1 11 ? 0.727   -14.060 7.232   1.00 0.00 ? 11 U A "C5'"  1 
ATOM 332 C "C4'"  . U A 1 11 ? 0.260   -13.039 8.266   1.00 0.00 ? 11 U A "C4'"  1 
ATOM 333 O "O4'"  . U A 1 11 ? 0.416   -11.715 7.739   1.00 0.00 ? 11 U A "O4'"  1 
ATOM 334 C "C3'"  . U A 1 11 ? -1.212  -13.106 8.626   1.00 0.00 ? 11 U A "C3'"  1 
ATOM 335 O "O3'"  . U A 1 11 ? -1.355  -14.005 9.730   1.00 0.00 ? 11 U A "O3'"  1 
ATOM 336 C "C2'"  . U A 1 11 ? -1.474  -11.715 9.158   1.00 0.00 ? 11 U A "C2'"  1 
ATOM 337 O "O2'"  . U A 1 11 ? -0.999  -11.595 10.500  1.00 0.00 ? 11 U A "O2'"  1 
ATOM 338 C "C1'"  . U A 1 11 ? -0.636  -10.853 8.215   1.00 0.00 ? 11 U A "C1'"  1 
ATOM 339 N N1     . U A 1 11 ? -1.406  -10.350 7.046   1.00 0.00 ? 11 U A N1     1 
ATOM 340 C C2     . U A 1 11 ? -1.920  -9.060  7.106   1.00 0.00 ? 11 U A C2     1 
ATOM 341 O O2     . U A 1 11 ? -1.793  -8.347  8.098   1.00 0.00 ? 11 U A O2     1 
ATOM 342 N N3     . U A 1 11 ? -2.590  -8.618  5.979   1.00 0.00 ? 11 U A N3     1 
ATOM 343 C C4     . U A 1 11 ? -2.792  -9.339  4.817   1.00 0.00 ? 11 U A C4     1 
ATOM 344 O O4     . U A 1 11 ? -3.405  -8.833  3.879   1.00 0.00 ? 11 U A O4     1 
ATOM 345 C C5     . U A 1 11 ? -2.234  -10.673 4.832   1.00 0.00 ? 11 U A C5     1 
ATOM 346 C C6     . U A 1 11 ? -1.573  -11.128 5.928   1.00 0.00 ? 11 U A C6     1 
ATOM 347 H "H5'"  . U A 1 11 ? 1.726   -13.788 6.891   1.00 0.00 ? 11 U A "H5'"  1 
ATOM 348 H "H5''" . U A 1 11 ? 0.767   -15.045 7.697   1.00 0.00 ? 11 U A "H5''" 1 
ATOM 349 H "H4'"  . U A 1 11 ? 0.876   -13.139 9.160   1.00 0.00 ? 11 U A "H4'"  1 
ATOM 350 H "H3'"  . U A 1 11 ? -1.857  -13.378 7.790   1.00 0.00 ? 11 U A "H3'"  1 
ATOM 351 H "H2'"  . U A 1 11 ? -2.522  -11.471 9.090   1.00 0.00 ? 11 U A "H2'"  1 
ATOM 352 H "HO2'" . U A 1 11 ? -0.137  -11.174 10.462  1.00 0.00 ? 11 U A "HO2'" 1 
ATOM 353 H "H1'"  . U A 1 11 ? -0.198  -10.014 8.755   1.00 0.00 ? 11 U A "H1'"  1 
ATOM 354 H H3     . U A 1 11 ? -2.966  -7.679  6.006   1.00 0.00 ? 11 U A H3     1 
ATOM 355 H H5     . U A 1 11 ? -2.344  -11.317 3.959   1.00 0.00 ? 11 U A H5     1 
ATOM 356 H H6     . U A 1 11 ? -1.170  -12.140 5.922   1.00 0.00 ? 11 U A H6     1 
ATOM 357 P P      . C A 1 12 ? -2.817  -14.355 10.320  1.00 0.00 ? 12 C A P      1 
ATOM 358 O OP1    . C A 1 12 ? -2.647  -14.865 11.698  1.00 0.00 ? 12 C A OP1    1 
ATOM 359 O OP2    . C A 1 12 ? -3.535  -15.172 9.316   1.00 0.00 ? 12 C A OP2    1 
ATOM 360 O "O5'"  . C A 1 12 ? -3.537  -12.911 10.402  1.00 0.00 ? 12 C A "O5'"  1 
ATOM 361 C "C5'"  . C A 1 12 ? -3.453  -12.127 11.598  1.00 0.00 ? 12 C A "C5'"  1 
ATOM 362 C "C4'"  . C A 1 12 ? -4.692  -11.255 11.808  1.00 0.00 ? 12 C A "C4'"  1 
ATOM 363 O "O4'"  . C A 1 12 ? -4.666  -10.134 10.916  1.00 0.00 ? 12 C A "O4'"  1 
ATOM 364 C "C3'"  . C A 1 12 ? -6.018  -11.903 11.476  1.00 0.00 ? 12 C A "C3'"  1 
ATOM 365 O "O3'"  . C A 1 12 ? -6.453  -12.649 12.611  1.00 0.00 ? 12 C A "O3'"  1 
ATOM 366 C "C2'"  . C A 1 12 ? -6.928  -10.690 11.361  1.00 0.00 ? 12 C A "C2'"  1 
ATOM 367 O "O2'"  . C A 1 12 ? -7.288  -10.213 12.661  1.00 0.00 ? 12 C A "O2'"  1 
ATOM 368 C "C1'"  . C A 1 12 ? -6.015  -9.683  10.658  1.00 0.00 ? 12 C A "C1'"  1 
ATOM 369 N N1     . C A 1 12 ? -6.254  -9.625  9.200   1.00 0.00 ? 12 C A N1     1 
ATOM 370 C C2     . C A 1 12 ? -7.507  -9.207  8.777   1.00 0.00 ? 12 C A C2     1 
ATOM 371 O O2     . C A 1 12 ? -8.353  -8.852  9.597   1.00 0.00 ? 12 C A O2     1 
ATOM 372 N N3     . C A 1 12 ? -7.767  -9.171  7.440   1.00 0.00 ? 12 C A N3     1 
ATOM 373 C C4     . C A 1 12 ? -6.831  -9.528  6.552   1.00 0.00 ? 12 C A C4     1 
ATOM 374 N N4     . C A 1 12 ? -7.146  -9.470  5.258   1.00 0.00 ? 12 C A N4     1 
ATOM 375 C C5     . C A 1 12 ? -5.537  -9.954  6.980   1.00 0.00 ? 12 C A C5     1 
ATOM 376 C C6     . C A 1 12 ? -5.291  -9.985  8.302   1.00 0.00 ? 12 C A C6     1 
ATOM 377 H "H5'"  . C A 1 12 ? -2.576  -11.484 11.541  1.00 0.00 ? 12 C A "H5'"  1 
ATOM 378 H "H5''" . C A 1 12 ? -3.345  -12.796 12.452  1.00 0.00 ? 12 C A "H5''" 1 
ATOM 379 H "H4'"  . C A 1 12 ? -4.694  -10.890 12.835  1.00 0.00 ? 12 C A "H4'"  1 
ATOM 380 H "H3'"  . C A 1 12 ? -5.986  -12.513 10.576  1.00 0.00 ? 12 C A "H3'"  1 
ATOM 381 H "H2'"  . C A 1 12 ? -7.811  -10.907 10.768  1.00 0.00 ? 12 C A "H2'"  1 
ATOM 382 H "HO2'" . C A 1 12 ? -6.758  -9.433  12.835  1.00 0.00 ? 12 C A "HO2'" 1 
ATOM 383 H "H1'"  . C A 1 12 ? -6.149  -8.694  11.073  1.00 0.00 ? 12 C A "H1'"  1 
ATOM 384 H H41    . C A 1 12 ? -8.035  -9.086  4.971   1.00 0.00 ? 12 C A H41    1 
ATOM 385 H H42    . C A 1 12 ? -6.492  -9.803  4.563   1.00 0.00 ? 12 C A H42    1 
ATOM 386 H H5     . C A 1 12 ? -4.774  -10.259 6.269   1.00 0.00 ? 12 C A H5     1 
ATOM 387 H H6     . C A 1 12 ? -4.308  -10.273 8.657   1.00 0.00 ? 12 C A H6     1 
ATOM 388 P P      . U A 1 13 ? -7.491  -13.863 12.414  1.00 0.00 ? 13 U A P      1 
ATOM 389 O OP1    . U A 1 13 ? -8.264  -14.022 13.666  1.00 0.00 ? 13 U A OP1    1 
ATOM 390 O OP2    . U A 1 13 ? -6.756  -15.016 11.848  1.00 0.00 ? 13 U A OP2    1 
ATOM 391 O "O5'"  . U A 1 13 ? -8.485  -13.291 11.279  1.00 0.00 ? 13 U A "O5'"  1 
ATOM 392 C "C5'"  . U A 1 13 ? -9.660  -12.564 11.645  1.00 0.00 ? 13 U A "C5'"  1 
ATOM 393 C "C4'"  . U A 1 13 ? -10.387 -11.995 10.428  1.00 0.00 ? 13 U A "C4'"  1 
ATOM 394 O "O4'"  . U A 1 13 ? -9.458  -11.349 9.551   1.00 0.00 ? 13 U A "O4'"  1 
ATOM 395 C "C3'"  . U A 1 13 ? -11.048 -13.025 9.539   1.00 0.00 ? 13 U A "C3'"  1 
ATOM 396 O "O3'"  . U A 1 13 ? -12.366 -13.242 10.048  1.00 0.00 ? 13 U A "O3'"  1 
ATOM 397 C "C2'"  . U A 1 13 ? -11.196 -12.288 8.217   1.00 0.00 ? 13 U A "C2'"  1 
ATOM 398 O "O2'"  . U A 1 13 ? -12.384 -11.491 8.224   1.00 0.00 ? 13 U A "O2'"  1 
ATOM 399 C "C1'"  . U A 1 13 ? -9.947  -11.390 8.195   1.00 0.00 ? 13 U A "C1'"  1 
ATOM 400 N N1     . U A 1 13 ? -8.879  -11.904 7.299   1.00 0.00 ? 13 U A N1     1 
ATOM 401 C C2     . U A 1 13 ? -9.198  -12.085 5.962   1.00 0.00 ? 13 U A C2     1 
ATOM 402 O O2     . U A 1 13 ? -10.306 -11.812 5.506   1.00 0.00 ? 13 U A O2     1 
ATOM 403 N N3     . U A 1 13 ? -8.186  -12.581 5.158   1.00 0.00 ? 13 U A N3     1 
ATOM 404 C C4     . U A 1 13 ? -6.906  -12.904 5.567   1.00 0.00 ? 13 U A C4     1 
ATOM 405 O O4     . U A 1 13 ? -6.094  -13.343 4.756   1.00 0.00 ? 13 U A O4     1 
ATOM 406 C C5     . U A 1 13 ? -6.649  -12.682 6.971   1.00 0.00 ? 13 U A C5     1 
ATOM 407 C C6     . U A 1 13 ? -7.627  -12.195 7.776   1.00 0.00 ? 13 U A C6     1 
ATOM 408 H "H5'"  . U A 1 13 ? -9.379  -11.744 12.305  1.00 0.00 ? 13 U A "H5'"  1 
ATOM 409 H "H5''" . U A 1 13 ? -10.336 -13.232 12.180  1.00 0.00 ? 13 U A "H5''" 1 
ATOM 410 H "H4'"  . U A 1 13 ? -11.119 -11.261 10.767  1.00 0.00 ? 13 U A "H4'"  1 
ATOM 411 H "H3'"  . U A 1 13 ? -10.486 -13.955 9.456   1.00 0.00 ? 13 U A "H3'"  1 
ATOM 412 H "H2'"  . U A 1 13 ? -11.200 -12.986 7.383   1.00 0.00 ? 13 U A "H2'"  1 
ATOM 413 H "HO2'" . U A 1 13 ? -12.261 -10.790 7.580   1.00 0.00 ? 13 U A "HO2'" 1 
ATOM 414 H "H1'"  . U A 1 13 ? -10.209 -10.381 7.886   1.00 0.00 ? 13 U A "H1'"  1 
ATOM 415 H H3     . U A 1 13 ? -8.404  -12.727 4.180   1.00 0.00 ? 13 U A H3     1 
ATOM 416 H H5     . U A 1 13 ? -5.665  -12.904 7.384   1.00 0.00 ? 13 U A H5     1 
ATOM 417 H H6     . U A 1 13 ? -7.400  -11.999 8.823   1.00 0.00 ? 13 U A H6     1 
ATOM 418 P P      . U A 1 14 ? -13.135 -14.622 9.749   1.00 0.00 ? 14 U A P      1 
ATOM 419 O OP1    . U A 1 14 ? -14.041 -14.901 10.885  1.00 0.00 ? 14 U A OP1    1 
ATOM 420 O OP2    . U A 1 14 ? -12.132 -15.631 9.340   1.00 0.00 ? 14 U A OP2    1 
ATOM 421 O "O5'"  . U A 1 14 ? -14.033 -14.254 8.463   1.00 0.00 ? 14 U A "O5'"  1 
ATOM 422 C "C5'"  . U A 1 14 ? -14.727 -13.004 8.389   1.00 0.00 ? 14 U A "C5'"  1 
ATOM 423 C "C4'"  . U A 1 14 ? -16.099 -13.092 9.043   1.00 0.00 ? 14 U A "C4'"  1 
ATOM 424 O "O4'"  . U A 1 14 ? -15.935 -13.404 10.434  1.00 0.00 ? 14 U A "O4'"  1 
ATOM 425 C "C3'"  . U A 1 14 ? -16.936 -11.814 9.012   1.00 0.00 ? 14 U A "C3'"  1 
ATOM 426 O "O3'"  . U A 1 14 ? -18.307 -12.223 8.941   1.00 0.00 ? 14 U A "O3'"  1 
ATOM 427 C "C2'"  . U A 1 14 ? -16.738 -11.195 10.385  1.00 0.00 ? 14 U A "C2'"  1 
ATOM 428 O "O2'"  . U A 1 14 ? -17.896 -10.454 10.774  1.00 0.00 ? 14 U A "O2'"  1 
ATOM 429 C "C1'"  . U A 1 14 ? -16.569 -12.423 11.266  1.00 0.00 ? 14 U A "C1'"  1 
ATOM 430 N N1     . U A 1 14 ? -15.685 -12.146 12.425  1.00 0.00 ? 14 U A N1     1 
ATOM 431 C C2     . U A 1 14 ? -16.232 -12.188 13.701  1.00 0.00 ? 14 U A C2     1 
ATOM 432 O O2     . U A 1 14 ? -17.415 -12.456 13.903  1.00 0.00 ? 14 U A O2     1 
ATOM 433 N N3     . U A 1 14 ? -15.367 -11.907 14.740  1.00 0.00 ? 14 U A N3     1 
ATOM 434 C C4     . U A 1 14 ? -14.026 -11.595 14.622  1.00 0.00 ? 14 U A C4     1 
ATOM 435 O O4     . U A 1 14 ? -13.358 -11.364 15.627  1.00 0.00 ? 14 U A O4     1 
ATOM 436 C C5     . U A 1 14 ? -13.530 -11.572 13.264  1.00 0.00 ? 14 U A C5     1 
ATOM 437 C C6     . U A 1 14 ? -14.364 -11.842 12.229  1.00 0.00 ? 14 U A C6     1 
ATOM 438 H "H5'"  . U A 1 14 ? -14.849 -12.732 7.341   1.00 0.00 ? 14 U A "H5'"  1 
ATOM 439 H "H5''" . U A 1 14 ? -14.140 -12.244 8.892   1.00 0.00 ? 14 U A "H5''" 1 
ATOM 440 H "H4'"  . U A 1 14 ? -16.641 -13.892 8.565   1.00 0.00 ? 14 U A "H4'"  1 
ATOM 441 H "H3'"  . U A 1 14 ? -16.673 -11.145 8.199   1.00 0.00 ? 14 U A "H3'"  1 
ATOM 442 H "H2'"  . U A 1 14 ? -15.848 -10.574 10.412  1.00 0.00 ? 14 U A "H2'"  1 
ATOM 443 H "HO2'" . U A 1 14 ? -18.660 -11.013 10.613  1.00 0.00 ? 14 U A "HO2'" 1 
ATOM 444 H "H1'"  . U A 1 14 ? -17.538 -12.804 11.599  1.00 0.00 ? 14 U A "H1'"  1 
ATOM 445 H H3     . U A 1 14 ? -15.750 -11.933 15.675  1.00 0.00 ? 14 U A H3     1 
ATOM 446 H H5     . U A 1 14 ? -12.483 -11.337 13.073  1.00 0.00 ? 14 U A H5     1 
ATOM 447 H H6     . U A 1 14 ? -13.972 -11.812 11.210  1.00 0.00 ? 14 U A H6     1 
ATOM 448 P P      . C A 1 15 ? -19.227 -11.857 7.668   1.00 0.00 ? 15 C A P      1 
ATOM 449 O OP1    . C A 1 15 ? -20.539 -11.389 8.169   1.00 0.00 ? 15 C A OP1    1 
ATOM 450 O OP2    . C A 1 15 ? -19.165 -12.985 6.712   1.00 0.00 ? 15 C A OP2    1 
ATOM 451 O "O5'"  . C A 1 15 ? -18.466 -10.600 7.013   1.00 0.00 ? 15 C A "O5'"  1 
ATOM 452 C "C5'"  . C A 1 15 ? -19.128 -9.787  6.038   1.00 0.00 ? 15 C A "C5'"  1 
ATOM 453 C "C4'"  . C A 1 15 ? -18.164 -8.820  5.362   1.00 0.00 ? 15 C A "C4'"  1 
ATOM 454 O "O4'"  . C A 1 15 ? -17.378 -8.160  6.370   1.00 0.00 ? 15 C A "O4'"  1 
ATOM 455 C "C3'"  . C A 1 15 ? -17.133 -9.479  4.449   1.00 0.00 ? 15 C A "C3'"  1 
ATOM 456 O "O3'"  . C A 1 15 ? -16.695 -8.473  3.528   1.00 0.00 ? 15 C A "O3'"  1 
ATOM 457 C "C2'"  . C A 1 15 ? -15.981 -9.751  5.398   1.00 0.00 ? 15 C A "C2'"  1 
ATOM 458 O "O2'"  . C A 1 15 ? -14.753 -9.921  4.686   1.00 0.00 ? 15 C A "O2'"  1 
ATOM 459 C "C1'"  . C A 1 15 ? -15.986 -8.444  6.176   1.00 0.00 ? 15 C A "C1'"  1 
ATOM 460 N N1     . C A 1 15 ? -15.299 -8.448  7.504   1.00 0.00 ? 15 C A N1     1 
ATOM 461 C C2     . C A 1 15 ? -15.392 -7.267  8.234   1.00 0.00 ? 15 C A C2     1 
ATOM 462 O O2     . C A 1 15 ? -16.074 -6.332  7.815   1.00 0.00 ? 15 C A O2     1 
ATOM 463 N N3     . C A 1 15 ? -14.724 -7.164  9.413   1.00 0.00 ? 15 C A N3     1 
ATOM 464 C C4     . C A 1 15 ? -13.984 -8.176  9.873   1.00 0.00 ? 15 C A C4     1 
ATOM 465 N N4     . C A 1 15 ? -13.349 -8.002  11.032  1.00 0.00 ? 15 C A N4     1 
ATOM 466 C C5     . C A 1 15 ? -13.878 -9.400  9.144   1.00 0.00 ? 15 C A C5     1 
ATOM 467 C C6     . C A 1 15 ? -14.546 -9.506  7.976   1.00 0.00 ? 15 C A C6     1 
ATOM 468 H "H5'"  . C A 1 15 ? -19.916 -9.215  6.528   1.00 0.00 ? 15 C A "H5'"  1 
ATOM 469 H "H5''" . C A 1 15 ? -19.575 -10.432 5.281   1.00 0.00 ? 15 C A "H5''" 1 
ATOM 470 H "H4'"  . C A 1 15 ? -18.738 -8.073  4.813   1.00 0.00 ? 15 C A "H4'"  1 
ATOM 471 H "H3'"  . C A 1 15 ? -17.503 -10.370 3.943   1.00 0.00 ? 15 C A "H3'"  1 
ATOM 472 H "H2'"  . C A 1 15 ? -16.204 -10.605 6.028   1.00 0.00 ? 15 C A "H2'"  1 
ATOM 473 H "HO2'" . C A 1 15 ? -14.932 -10.504 3.944   1.00 0.00 ? 15 C A "HO2'" 1 
ATOM 474 H "H1'"  . C A 1 15 ? -15.554 -7.652  5.569   1.00 0.00 ? 15 C A "H1'"  1 
ATOM 475 H H41    . C A 1 15 ? -13.454 -7.135  11.540  1.00 0.00 ? 15 C A H41    1 
ATOM 476 H H42    . C A 1 15 ? -12.760 -8.735  11.401  1.00 0.00 ? 15 C A H42    1 
ATOM 477 H H5     . C A 1 15 ? -13.267 -10.227 9.508   1.00 0.00 ? 15 C A H5     1 
ATOM 478 H H6     . C A 1 15 ? -14.504 -10.447 7.433   1.00 0.00 ? 15 C A H6     1 
ATOM 479 P P      . G A 1 16 ? -15.740 -8.839  2.282   1.00 0.00 ? 16 G A P      1 
ATOM 480 O OP1    . G A 1 16 ? -16.398 -8.369  1.042   1.00 0.00 ? 16 G A OP1    1 
ATOM 481 O OP2    . G A 1 16 ? -15.331 -10.256 2.408   1.00 0.00 ? 16 G A OP2    1 
ATOM 482 O "O5'"  . G A 1 16 ? -14.448 -7.914  2.544   1.00 0.00 ? 16 G A "O5'"  1 
ATOM 483 C "C5'"  . G A 1 16 ? -14.352 -6.610  1.959   1.00 0.00 ? 16 G A "C5'"  1 
ATOM 484 C "C4'"  . G A 1 16 ? -14.872 -5.527  2.919   1.00 0.00 ? 16 G A "C4'"  1 
ATOM 485 O "O4'"  . G A 1 16 ? -15.079 -6.113  4.211   1.00 0.00 ? 16 G A "O4'"  1 
ATOM 486 C "C3'"  . G A 1 16 ? -13.913 -4.380  3.209   1.00 0.00 ? 16 G A "C3'"  1 
ATOM 487 O "O3'"  . G A 1 16 ? -14.141 -3.345  2.246   1.00 0.00 ? 16 G A "O3'"  1 
ATOM 488 C "C2'"  . G A 1 16 ? -14.420 -3.868  4.541   1.00 0.00 ? 16 G A "C2'"  1 
ATOM 489 O "O2'"  . G A 1 16 ? -15.594 -3.072  4.362   1.00 0.00 ? 16 G A "O2'"  1 
ATOM 490 C "C1'"  . G A 1 16 ? -14.757 -5.171  5.252   1.00 0.00 ? 16 G A "C1'"  1 
ATOM 491 N N9     . G A 1 16 ? -13.611 -5.680  6.027   1.00 0.00 ? 16 G A N9     1 
ATOM 492 C C8     . G A 1 16 ? -13.002 -5.108  7.112   1.00 0.00 ? 16 G A C8     1 
ATOM 493 N N7     . G A 1 16 ? -12.010 -5.806  7.588   1.00 0.00 ? 16 G A N7     1 
ATOM 494 C C5     . G A 1 16 ? -11.955 -6.919  6.757   1.00 0.00 ? 16 G A C5     1 
ATOM 495 C C6     . G A 1 16 ? -11.071 -8.031  6.785   1.00 0.00 ? 16 G A C6     1 
ATOM 496 O O6     . G A 1 16 ? -10.153 -8.256  7.571   1.00 0.00 ? 16 G A O6     1 
ATOM 497 N N1     . G A 1 16 ? -11.351 -8.930  5.771   1.00 0.00 ? 16 G A N1     1 
ATOM 498 C C2     . G A 1 16 ? -12.352 -8.788  4.840   1.00 0.00 ? 16 G A C2     1 
ATOM 499 N N2     . G A 1 16 ? -12.460 -9.751  3.922   1.00 0.00 ? 16 G A N2     1 
ATOM 500 N N3     . G A 1 16 ? -13.193 -7.748  4.803   1.00 0.00 ? 16 G A N3     1 
ATOM 501 C C4     . G A 1 16 ? -12.932 -6.854  5.791   1.00 0.00 ? 16 G A C4     1 
ATOM 502 H "H5'"  . G A 1 16 ? -14.939 -6.593  1.038   1.00 0.00 ? 16 G A "H5'"  1 
ATOM 503 H "H5''" . G A 1 16 ? -13.307 -6.412  1.714   1.00 0.00 ? 16 G A "H5''" 1 
ATOM 504 H "H4'"  . G A 1 16 ? -15.826 -5.143  2.551   1.00 0.00 ? 16 G A "H4'"  1 
ATOM 505 H "H3'"  . G A 1 16 ? -12.871 -4.691  3.236   1.00 0.00 ? 16 G A "H3'"  1 
ATOM 506 H "H2'"  . G A 1 16 ? -13.644 -3.319  5.072   1.00 0.00 ? 16 G A "H2'"  1 
ATOM 507 H "HO2'" . G A 1 16 ? -16.233 -3.608  3.887   1.00 0.00 ? 16 G A "HO2'" 1 
ATOM 508 H "H1'"  . G A 1 16 ? -15.616 -5.047  5.910   1.00 0.00 ? 16 G A "H1'"  1 
ATOM 509 H H8     . G A 1 16 ? -13.305 -4.146  7.526   1.00 0.00 ? 16 G A H8     1 
ATOM 510 H H1     . G A 1 16 ? -10.775 -9.753  5.719   1.00 0.00 ? 16 G A H1     1 
ATOM 511 H H21    . G A 1 16 ? -11.778 -10.498 3.891   1.00 0.00 ? 16 G A H21    1 
ATOM 512 H H22    . G A 1 16 ? -13.218 -9.730  3.254   1.00 0.00 ? 16 G A H22    1 
ATOM 513 P P      . G A 1 17 ? -12.915 -2.746  1.386   1.00 0.00 ? 17 G A P      1 
ATOM 514 O OP1    . G A 1 17 ? -13.414 -2.443  0.026   1.00 0.00 ? 17 G A OP1    1 
ATOM 515 O OP2    . G A 1 17 ? -11.751 -3.644  1.556   1.00 0.00 ? 17 G A OP2    1 
ATOM 516 O "O5'"  . G A 1 17 ? -12.580 -1.342  2.121   1.00 0.00 ? 17 G A "O5'"  1 
ATOM 517 C "C5'"  . G A 1 17 ? -13.362 -0.857  3.225   1.00 0.00 ? 17 G A "C5'"  1 
ATOM 518 C "C4'"  . G A 1 17 ? -12.560 -0.795  4.533   1.00 0.00 ? 17 G A "C4'"  1 
ATOM 519 O "O4'"  . G A 1 17 ? -12.548 -2.081  5.161   1.00 0.00 ? 17 G A "O4'"  1 
ATOM 520 C "C3'"  . G A 1 17 ? -11.085 -0.466  4.387   1.00 0.00 ? 17 G A "C3'"  1 
ATOM 521 O "O3'"  . G A 1 17 ? -10.947 0.955   4.422   1.00 0.00 ? 17 G A "O3'"  1 
ATOM 522 C "C2'"  . G A 1 17 ? -10.510 -1.001  5.686   1.00 0.00 ? 17 G A "C2'"  1 
ATOM 523 O "O2'"  . G A 1 17 ? -10.772 -0.097  6.763   1.00 0.00 ? 17 G A "O2'"  1 
ATOM 524 C "C1'"  . G A 1 17 ? -11.307 -2.292  5.862   1.00 0.00 ? 17 G A "C1'"  1 
ATOM 525 N N9     . G A 1 17 ? -10.621 -3.450  5.263   1.00 0.00 ? 17 G A N9     1 
ATOM 526 C C8     . G A 1 17 ? -10.499 -3.769  3.940   1.00 0.00 ? 17 G A C8     1 
ATOM 527 N N7     . G A 1 17 ? -9.817  -4.854  3.718   1.00 0.00 ? 17 G A N7     1 
ATOM 528 C C5     . G A 1 17 ? -9.460  -5.288  4.986   1.00 0.00 ? 17 G A C5     1 
ATOM 529 C C6     . G A 1 17 ? -8.707  -6.424  5.375   1.00 0.00 ? 17 G A C6     1 
ATOM 530 O O6     . G A 1 17 ? -8.206  -7.289  4.660   1.00 0.00 ? 17 G A O6     1 
ATOM 531 N N1     . G A 1 17 ? -8.571  -6.498  6.749   1.00 0.00 ? 17 G A N1     1 
ATOM 532 C C2     . G A 1 17 ? -9.095  -5.602  7.648   1.00 0.00 ? 17 G A C2     1 
ATOM 533 N N2     . G A 1 17 ? -8.873  -5.847  8.939   1.00 0.00 ? 17 G A N2     1 
ATOM 534 N N3     . G A 1 17 ? -9.807  -4.526  7.295   1.00 0.00 ? 17 G A N3     1 
ATOM 535 C C4     . G A 1 17 ? -9.948  -4.436  5.948   1.00 0.00 ? 17 G A C4     1 
ATOM 536 H "H5'"  . G A 1 17 ? -14.220 -1.512  3.369   1.00 0.00 ? 17 G A "H5'"  1 
ATOM 537 H "H5''" . G A 1 17 ? -13.722 0.145   2.985   1.00 0.00 ? 17 G A "H5''" 1 
ATOM 538 H "H4'"  . G A 1 17 ? -13.040 -0.083  5.205   1.00 0.00 ? 17 G A "H4'"  1 
ATOM 539 H "H3'"  . G A 1 17 ? -10.627 -0.896  3.497   1.00 0.00 ? 17 G A "H3'"  1 
ATOM 540 H "H2'"  . G A 1 17 ? -9.444  -1.205  5.591   1.00 0.00 ? 17 G A "H2'"  1 
ATOM 541 H "HO2'" . G A 1 17 ? -11.675 -0.255  7.053   1.00 0.00 ? 17 G A "HO2'" 1 
ATOM 542 H "H1'"  . G A 1 17 ? -11.509 -2.491  6.914   1.00 0.00 ? 17 G A "H1'"  1 
ATOM 543 H H8     . G A 1 17 ? -10.937 -3.172  3.145   1.00 0.00 ? 17 G A H8     1 
ATOM 544 H H1     . G A 1 17 ? -8.018  -7.255  7.107   1.00 0.00 ? 17 G A H1     1 
ATOM 545 H H21    . G A 1 17 ? -8.411  -6.705  9.219   1.00 0.00 ? 17 G A H21    1 
ATOM 546 H H22    . G A 1 17 ? -9.173  -5.184  9.639   1.00 0.00 ? 17 G A H22    1 
ATOM 547 P P      . A A 1 18 ? -9.523  1.633   4.095   1.00 0.00 ? 18 A A P      1 
ATOM 548 O OP1    . A A 1 18 ? -9.582  3.053   4.507   1.00 0.00 ? 18 A A OP1    1 
ATOM 549 O OP2    . A A 1 18 ? -9.153  1.283   2.706   1.00 0.00 ? 18 A A OP2    1 
ATOM 550 O "O5'"  . A A 1 18 ? -8.523  0.857   5.095   1.00 0.00 ? 18 A A "O5'"  1 
ATOM 551 C "C5'"  . A A 1 18 ? -8.402  1.276   6.456   1.00 0.00 ? 18 A A "C5'"  1 
ATOM 552 C "C4'"  . A A 1 18 ? -7.431  0.404   7.251   1.00 0.00 ? 18 A A "C4'"  1 
ATOM 553 O "O4'"  . A A 1 18 ? -7.764  -0.978  7.101   1.00 0.00 ? 18 A A "O4'"  1 
ATOM 554 C "C3'"  . A A 1 18 ? -5.986  0.446   6.801   1.00 0.00 ? 18 A A "C3'"  1 
ATOM 555 O "O3'"  . A A 1 18 ? -5.361  1.566   7.433   1.00 0.00 ? 18 A A "O3'"  1 
ATOM 556 C "C2'"  . A A 1 18 ? -5.418  -0.810  7.448   1.00 0.00 ? 18 A A "C2'"  1 
ATOM 557 O "O2'"  . A A 1 18 ? -5.091  -0.564  8.818   1.00 0.00 ? 18 A A "O2'"  1 
ATOM 558 C "C1'"  . A A 1 18 ? -6.594  -1.787  7.344   1.00 0.00 ? 18 A A "C1'"  1 
ATOM 559 N N9     . A A 1 18 ? -6.413  -2.760  6.247   1.00 0.00 ? 18 A A N9     1 
ATOM 560 C C8     . A A 1 18 ? -6.870  -2.708  4.954   1.00 0.00 ? 18 A A C8     1 
ATOM 561 N N7     . A A 1 18 ? -6.513  -3.737  4.232   1.00 0.00 ? 18 A A N7     1 
ATOM 562 C C5     . A A 1 18 ? -5.769  -4.519  5.109   1.00 0.00 ? 18 A A C5     1 
ATOM 563 C C6     . A A 1 18 ? -5.103  -5.750  4.963   1.00 0.00 ? 18 A A C6     1 
ATOM 564 N N6     . A A 1 18 ? -5.081  -6.446  3.826   1.00 0.00 ? 18 A A N6     1 
ATOM 565 N N1     . A A 1 18 ? -4.460  -6.246  6.035   1.00 0.00 ? 18 A A N1     1 
ATOM 566 C C2     . A A 1 18 ? -4.482  -5.561  7.172   1.00 0.00 ? 18 A A C2     1 
ATOM 567 N N3     . A A 1 18 ? -5.067  -4.402  7.436   1.00 0.00 ? 18 A A N3     1 
ATOM 568 C C4     . A A 1 18 ? -5.702  -3.933  6.340   1.00 0.00 ? 18 A A C4     1 
ATOM 569 H "H5'"  . A A 1 18 ? -9.384  1.228   6.928   1.00 0.00 ? 18 A A "H5'"  1 
ATOM 570 H "H5''" . A A 1 18 ? -8.050  2.307   6.478   1.00 0.00 ? 18 A A "H5''" 1 
ATOM 571 H "H4'"  . A A 1 18 ? -7.506  0.670   8.305   1.00 0.00 ? 18 A A "H4'"  1 
ATOM 572 H "H3'"  . A A 1 18 ? -5.866  0.469   5.718   1.00 0.00 ? 18 A A "H3'"  1 
ATOM 573 H "H2'"  . A A 1 18 ? -4.556  -1.178  6.897   1.00 0.00 ? 18 A A "H2'"  1 
ATOM 574 H "HO2'" . A A 1 18 ? -5.841  -0.849  9.346   1.00 0.00 ? 18 A A "HO2'" 1 
ATOM 575 H "H1'"  . A A 1 18 ? -6.726  -2.329  8.280   1.00 0.00 ? 18 A A "H1'"  1 
ATOM 576 H H8     . A A 1 18 ? -7.467  -1.885  4.564   1.00 0.00 ? 18 A A H8     1 
ATOM 577 H H61    . A A 1 18 ? -4.534  -7.293  3.764   1.00 0.00 ? 18 A A H61    1 
ATOM 578 H H62    . A A 1 18 ? -5.610  -6.126  3.027   1.00 0.00 ? 18 A A H62    1 
ATOM 579 H H2     . A A 1 18 ? -3.944  -6.013  8.006   1.00 0.00 ? 18 A A H2     1 
ATOM 580 P P      . C A 1 19 ? -3.981  2.163   6.850   1.00 0.00 ? 19 C A P      1 
ATOM 581 O OP1    . C A 1 19 ? -3.551  3.276   7.726   1.00 0.00 ? 19 C A OP1    1 
ATOM 582 O OP2    . C A 1 19 ? -4.154  2.391   5.398   1.00 0.00 ? 19 C A OP2    1 
ATOM 583 O "O5'"  . C A 1 19 ? -2.952  0.938   7.047   1.00 0.00 ? 19 C A "O5'"  1 
ATOM 584 C "C5'"  . C A 1 19 ? -2.544  0.539   8.360   1.00 0.00 ? 19 C A "C5'"  1 
ATOM 585 C "C4'"  . C A 1 19 ? -1.456  -0.531  8.317   1.00 0.00 ? 19 C A "C4'"  1 
ATOM 586 O "O4'"  . C A 1 19 ? -2.039  -1.795  7.997   1.00 0.00 ? 19 C A "O4'"  1 
ATOM 587 C "C3'"  . C A 1 19 ? -0.409  -0.350  7.237   1.00 0.00 ? 19 C A "C3'"  1 
ATOM 588 O "O3'"  . C A 1 19 ? 0.634   0.462   7.781   1.00 0.00 ? 19 C A "O3'"  1 
ATOM 589 C "C2'"  . C A 1 19 ? 0.151   -1.755  7.080   1.00 0.00 ? 19 C A "C2'"  1 
ATOM 590 O "O2'"  . C A 1 19 ? 1.143   -2.013  8.078   1.00 0.00 ? 19 C A "O2'"  1 
ATOM 591 C "C1'"  . C A 1 19 ? -1.084  -2.628  7.312   1.00 0.00 ? 19 C A "C1'"  1 
ATOM 592 N N1     . C A 1 19 ? -1.684  -3.089  6.034   1.00 0.00 ? 19 C A N1     1 
ATOM 593 C C2     . C A 1 19 ? -1.437  -4.396  5.621   1.00 0.00 ? 19 C A C2     1 
ATOM 594 O O2     . C A 1 19 ? -0.734  -5.138  6.305   1.00 0.00 ? 19 C A O2     1 
ATOM 595 N N3     . C A 1 19 ? -1.980  -4.826  4.448   1.00 0.00 ? 19 C A N3     1 
ATOM 596 C C4     . C A 1 19 ? -2.736  -4.008  3.705   1.00 0.00 ? 19 C A C4     1 
ATOM 597 N N4     . C A 1 19 ? -3.240  -4.486  2.567   1.00 0.00 ? 19 C A N4     1 
ATOM 598 C C5     . C A 1 19 ? -2.995  -2.665  4.122   1.00 0.00 ? 19 C A C5     1 
ATOM 599 C C6     . C A 1 19 ? -2.454  -2.251  5.282   1.00 0.00 ? 19 C A C6     1 
ATOM 600 H "H5'"  . C A 1 19 ? -3.408  0.145   8.894   1.00 0.00 ? 19 C A "H5'"  1 
ATOM 601 H "H5''" . C A 1 19 ? -2.163  1.410   8.892   1.00 0.00 ? 19 C A "H5''" 1 
ATOM 602 H "H4'"  . C A 1 19 ? -0.985  -0.596  9.298   1.00 0.00 ? 19 C A "H4'"  1 
ATOM 603 H "H3'"  . C A 1 19 ? -0.807  0.066   6.312   1.00 0.00 ? 19 C A "H3'"  1 
ATOM 604 H "H2'"  . C A 1 19 ? 0.550   -1.906  6.081   1.00 0.00 ? 19 C A "H2'"  1 
ATOM 605 H "HO2'" . C A 1 19 ? 1.146   -1.264  8.678   1.00 0.00 ? 19 C A "HO2'" 1 
ATOM 606 H "H1'"  . C A 1 19 ? -0.839  -3.485  7.944   1.00 0.00 ? 19 C A "H1'"  1 
ATOM 607 H H41    . C A 1 19 ? -3.009  -5.421  2.266   1.00 0.00 ? 19 C A H41    1 
ATOM 608 H H42    . C A 1 19 ? -3.856  -3.913  2.007   1.00 0.00 ? 19 C A H42    1 
ATOM 609 H H5     . C A 1 19 ? -3.609  -1.991  3.524   1.00 0.00 ? 19 C A H5     1 
ATOM 610 H H6     . C A 1 19 ? -2.624  -1.230  5.619   1.00 0.00 ? 19 C A H6     1 
ATOM 611 P P      . C A 1 20 ? 1.666   1.217   6.803   1.00 0.00 ? 20 C A P      1 
ATOM 612 O OP1    . C A 1 20 ? 2.497   2.129   7.622   1.00 0.00 ? 20 C A OP1    1 
ATOM 613 O OP2    . C A 1 20 ? 0.905   1.749   5.650   1.00 0.00 ? 20 C A OP2    1 
ATOM 614 O "O5'"  . C A 1 20 ? 2.602   0.015   6.280   1.00 0.00 ? 20 C A "O5'"  1 
ATOM 615 C "C5'"  . C A 1 20 ? 3.841   -0.272  6.933   1.00 0.00 ? 20 C A "C5'"  1 
ATOM 616 C "C4'"  . C A 1 20 ? 4.522   -1.505  6.347   1.00 0.00 ? 20 C A "C4'"  1 
ATOM 617 O "O4'"  . C A 1 20 ? 3.559   -2.543  6.145   1.00 0.00 ? 20 C A "O4'"  1 
ATOM 618 C "C3'"  . C A 1 20 ? 5.121   -1.318  4.969   1.00 0.00 ? 20 C A "C3'"  1 
ATOM 619 O "O3'"  . C A 1 20 ? 6.455   -0.836  5.142   1.00 0.00 ? 20 C A "O3'"  1 
ATOM 620 C "C2'"  . C A 1 20 ? 5.217   -2.747  4.463   1.00 0.00 ? 20 C A "C2'"  1 
ATOM 621 O "O2'"  . C A 1 20 ? 6.361   -3.402  5.017   1.00 0.00 ? 20 C A "O2'"  1 
ATOM 622 C "C1'"  . C A 1 20 ? 3.929   -3.357  5.015   1.00 0.00 ? 20 C A "C1'"  1 
ATOM 623 N N1     . C A 1 20 ? 2.826   -3.325  4.025   1.00 0.00 ? 20 C A N1     1 
ATOM 624 C C2     . C A 1 20 ? 2.634   -4.443  3.219   1.00 0.00 ? 20 C A C2     1 
ATOM 625 O O2     . C A 1 20 ? 3.372   -5.420  3.331   1.00 0.00 ? 20 C A O2     1 
ATOM 626 N N3     . C A 1 20 ? 1.622   -4.426  2.308   1.00 0.00 ? 20 C A N3     1 
ATOM 627 C C4     . C A 1 20 ? 0.827   -3.355  2.189   1.00 0.00 ? 20 C A C4     1 
ATOM 628 N N4     . C A 1 20 ? -0.148  -3.400  1.282   1.00 0.00 ? 20 C A N4     1 
ATOM 629 C C5     . C A 1 20 ? 1.019   -2.201  3.012   1.00 0.00 ? 20 C A C5     1 
ATOM 630 C C6     . C A 1 20 ? 2.024   -2.229  3.909   1.00 0.00 ? 20 C A C6     1 
ATOM 631 H "H5'"  . C A 1 20 ? 3.651   -0.443  7.992   1.00 0.00 ? 20 C A "H5'"  1 
ATOM 632 H "H5''" . C A 1 20 ? 4.505   0.586   6.825   1.00 0.00 ? 20 C A "H5''" 1 
ATOM 633 H "H4'"  . C A 1 20 ? 5.280   -1.857  7.048   1.00 0.00 ? 20 C A "H4'"  1 
ATOM 634 H "H3'"  . C A 1 20 ? 4.532   -0.666  4.323   1.00 0.00 ? 20 C A "H3'"  1 
ATOM 635 H "H2'"  . C A 1 20 ? 5.229   -2.783  3.377   1.00 0.00 ? 20 C A "H2'"  1 
ATOM 636 H "HO2'" . C A 1 20 ? 6.995   -2.719  5.251   1.00 0.00 ? 20 C A "HO2'" 1 
ATOM 637 H "H1'"  . C A 1 20 ? 4.099   -4.381  5.351   1.00 0.00 ? 20 C A "H1'"  1 
ATOM 638 H H41    . C A 1 20 ? -0.227  -4.196  0.665   1.00 0.00 ? 20 C A H41    1 
ATOM 639 H H42    . C A 1 20 ? -0.810  -2.640  1.212   1.00 0.00 ? 20 C A H42    1 
ATOM 640 H H5     . C A 1 20 ? 0.378   -1.324  2.925   1.00 0.00 ? 20 C A H5     1 
ATOM 641 H H6     . C A 1 20 ? 2.201   -1.363  4.546   1.00 0.00 ? 20 C A H6     1 
ATOM 642 P P      . G A 1 21 ? 7.067   0.249   4.121   1.00 0.00 ? 21 G A P      1 
ATOM 643 O OP1    . G A 1 21 ? 8.214   0.911   4.781   1.00 0.00 ? 21 G A OP1    1 
ATOM 644 O OP2    . G A 1 21 ? 5.952   1.062   3.587   1.00 0.00 ? 21 G A OP2    1 
ATOM 645 O "O5'"  . G A 1 21 ? 7.633   -0.674  2.930   1.00 0.00 ? 21 G A "O5'"  1 
ATOM 646 C "C5'"  . G A 1 21 ? 8.910   -1.304  3.050   1.00 0.00 ? 21 G A "C5'"  1 
ATOM 647 C "C4'"  . G A 1 21 ? 8.968   -2.615  2.269   1.00 0.00 ? 21 G A "C4'"  1 
ATOM 648 O "O4'"  . G A 1 21 ? 7.694   -3.266  2.327   1.00 0.00 ? 21 G A "O4'"  1 
ATOM 649 C "C3'"  . G A 1 21 ? 9.226   -2.464  0.784   1.00 0.00 ? 21 G A "C3'"  1 
ATOM 650 O "O3'"  . G A 1 21 ? 10.644  -2.483  0.601   1.00 0.00 ? 21 G A "O3'"  1 
ATOM 651 C "C2'"  . G A 1 21 ? 8.673   -3.766  0.229   1.00 0.00 ? 21 G A "C2'"  1 
ATOM 652 O "O2'"  . G A 1 21 ? 9.599   -4.835  0.437   1.00 0.00 ? 21 G A "O2'"  1 
ATOM 653 C "C1'"  . G A 1 21 ? 7.425   -3.957  1.092   1.00 0.00 ? 21 G A "C1'"  1 
ATOM 654 N N9     . G A 1 21 ? 6.225   -3.367  0.469   1.00 0.00 ? 21 G A N9     1 
ATOM 655 C C8     . G A 1 21 ? 5.590   -2.191  0.777   1.00 0.00 ? 21 G A C8     1 
ATOM 656 N N7     . G A 1 21 ? 4.561   -1.937  0.019   1.00 0.00 ? 21 G A N7     1 
ATOM 657 C C5     . G A 1 21 ? 4.508   -3.020  -0.852  1.00 0.00 ? 21 G A C5     1 
ATOM 658 C C6     . G A 1 21 ? 3.597   -3.297  -1.907  1.00 0.00 ? 21 G A C6     1 
ATOM 659 O O6     . G A 1 21 ? 2.639   -2.626  -2.283  1.00 0.00 ? 21 G A O6     1 
ATOM 660 N N1     . G A 1 21 ? 3.897   -4.493  -2.541  1.00 0.00 ? 21 G A N1     1 
ATOM 661 C C2     . G A 1 21 ? 4.941   -5.325  -2.204  1.00 0.00 ? 21 G A C2     1 
ATOM 662 N N2     . G A 1 21 ? 5.077   -6.442  -2.919  1.00 0.00 ? 21 G A N2     1 
ATOM 663 N N3     . G A 1 21 ? 5.803   -5.073  -1.215  1.00 0.00 ? 21 G A N3     1 
ATOM 664 C C4     . G A 1 21 ? 5.526   -3.905  -0.585  1.00 0.00 ? 21 G A C4     1 
ATOM 665 H "H5'"  . G A 1 21 ? 9.108   -1.505  4.104   1.00 0.00 ? 21 G A "H5'"  1 
ATOM 666 H "H5''" . G A 1 21 ? 9.676   -0.630  2.667   1.00 0.00 ? 21 G A "H5''" 1 
ATOM 667 H "H4'"  . G A 1 21 ? 9.719   -3.265  2.716   1.00 0.00 ? 21 G A "H4'"  1 
ATOM 668 H "H3'"  . G A 1 21 ? 8.767   -1.576  0.351   1.00 0.00 ? 21 G A "H3'"  1 
ATOM 669 H "H2'"  . G A 1 21 ? 8.409   -3.668  -0.823  1.00 0.00 ? 21 G A "H2'"  1 
ATOM 670 H "HO2'" . G A 1 21 ? 9.780   -4.878  1.379   1.00 0.00 ? 21 G A "HO2'" 1 
ATOM 671 H "H1'"  . G A 1 21 ? 7.248   -5.013  1.298   1.00 0.00 ? 21 G A "H1'"  1 
ATOM 672 H H8     . G A 1 21 ? 5.918   -1.528  1.577   1.00 0.00 ? 21 G A H8     1 
ATOM 673 H H1     . G A 1 21 ? 3.312   -4.760  -3.320  1.00 0.00 ? 21 G A H1     1 
ATOM 674 H H21    . G A 1 21 ? 4.436   -6.640  -3.674  1.00 0.00 ? 21 G A H21    1 
ATOM 675 H H22    . G A 1 21 ? 5.823   -7.089  -2.706  1.00 0.00 ? 21 G A H22    1 
ATOM 676 P P      . G A 1 22 ? 11.391  -1.259  -0.133  1.00 0.00 ? 22 G A P      1 
ATOM 677 O OP1    . G A 1 22 ? 12.817  -1.283  0.263   1.00 0.00 ? 22 G A OP1    1 
ATOM 678 O OP2    . G A 1 22 ? 10.586  -0.034  0.077   1.00 0.00 ? 22 G A OP2    1 
ATOM 679 O "O5'"  . G A 1 22 ? 11.292  -1.665  -1.685  1.00 0.00 ? 22 G A "O5'"  1 
ATOM 680 C "C5'"  . G A 1 22 ? 12.248  -2.558  -2.261  1.00 0.00 ? 22 G A "C5'"  1 
ATOM 681 C "C4'"  . G A 1 22 ? 11.699  -3.228  -3.515  1.00 0.00 ? 22 G A "C4'"  1 
ATOM 682 O "O4'"  . G A 1 22 ? 10.409  -3.779  -3.228  1.00 0.00 ? 22 G A "O4'"  1 
ATOM 683 C "C3'"  . G A 1 22 ? 11.451  -2.289  -4.680  1.00 0.00 ? 22 G A "C3'"  1 
ATOM 684 O "O3'"  . G A 1 22 ? 12.632  -2.298  -5.487  1.00 0.00 ? 22 G A "O3'"  1 
ATOM 685 C "C2'"  . G A 1 22 ? 10.364  -3.000  -5.465  1.00 0.00 ? 22 G A "C2'"  1 
ATOM 686 O "O2'"  . G A 1 22 ? 10.927  -4.023  -6.291  1.00 0.00 ? 22 G A "O2'"  1 
ATOM 687 C "C1'"  . G A 1 22 ? 9.522   -3.616  -4.347  1.00 0.00 ? 22 G A "C1'"  1 
ATOM 688 N N9     . G A 1 22 ? 8.403   -2.742  -3.944  1.00 0.00 ? 22 G A N9     1 
ATOM 689 C C8     . G A 1 22 ? 8.300   -1.930  -2.843  1.00 0.00 ? 22 G A C8     1 
ATOM 690 N N7     . G A 1 22 ? 7.171   -1.279  -2.776  1.00 0.00 ? 22 G A N7     1 
ATOM 691 C C5     . G A 1 22 ? 6.479   -1.688  -3.912  1.00 0.00 ? 22 G A C5     1 
ATOM 692 C C6     . G A 1 22 ? 5.187   -1.316  -4.378  1.00 0.00 ? 22 G A C6     1 
ATOM 693 O O6     . G A 1 22 ? 4.387   -0.533  -3.868  1.00 0.00 ? 22 G A O6     1 
ATOM 694 N N1     . G A 1 22 ? 4.867   -1.960  -5.562  1.00 0.00 ? 22 G A N1     1 
ATOM 695 C C2     . G A 1 22 ? 5.682   -2.851  -6.224  1.00 0.00 ? 22 G A C2     1 
ATOM 696 N N2     . G A 1 22 ? 5.211   -3.378  -7.354  1.00 0.00 ? 22 G A N2     1 
ATOM 697 N N3     . G A 1 22 ? 6.896   -3.206  -5.796  1.00 0.00 ? 22 G A N3     1 
ATOM 698 C C4     . G A 1 22 ? 7.226   -2.586  -4.636  1.00 0.00 ? 22 G A C4     1 
ATOM 699 H "H5'"  . G A 1 22 ? 12.503  -3.326  -1.530  1.00 0.00 ? 22 G A "H5'"  1 
ATOM 700 H "H5''" . G A 1 22 ? 13.147  -1.999  -2.520  1.00 0.00 ? 22 G A "H5''" 1 
ATOM 701 H "H4'"  . G A 1 22 ? 12.371  -4.032  -3.809  1.00 0.00 ? 22 G A "H4'"  1 
ATOM 702 H "H3'"  . G A 1 22 ? 11.175  -1.281  -4.371  1.00 0.00 ? 22 G A "H3'"  1 
ATOM 703 H "H2'"  . G A 1 22 ? 9.778   -2.295  -6.054  1.00 0.00 ? 22 G A "H2'"  1 
ATOM 704 H "HO2'" . G A 1 22 ? 11.880  -3.995  -6.170  1.00 0.00 ? 22 G A "HO2'" 1 
ATOM 705 H "H1'"  . G A 1 22 ? 9.132   -4.589  -4.644  1.00 0.00 ? 22 G A "H1'"  1 
ATOM 706 H H8     . G A 1 22 ? 9.087   -1.836  -2.091  1.00 0.00 ? 22 G A H8     1 
ATOM 707 H H1     . G A 1 22 ? 3.960   -1.765  -5.962  1.00 0.00 ? 22 G A H1     1 
ATOM 708 H H21    . G A 1 22 ? 4.289   -3.129  -7.681  1.00 0.00 ? 22 G A H21    1 
ATOM 709 H H22    . G A 1 22 ? 5.777   -4.025  -7.884  1.00 0.00 ? 22 G A H22    1 
ATOM 710 P P      . C A 1 23 ? 13.384  -0.923  -5.856  1.00 0.00 ? 23 C A P      1 
ATOM 711 O OP1    . C A 1 23 ? 14.632  -1.256  -6.578  1.00 0.00 ? 23 C A OP1    1 
ATOM 712 O OP2    . C A 1 23 ? 13.438  -0.083  -4.638  1.00 0.00 ? 23 C A OP2    1 
ATOM 713 O "O5'"  . C A 1 23 ? 12.367  -0.236  -6.898  1.00 0.00 ? 23 C A "O5'"  1 
ATOM 714 C "C5'"  . C A 1 23 ? 12.541  -0.419  -8.304  1.00 0.00 ? 23 C A "C5'"  1 
ATOM 715 C "C4'"  . C A 1 23 ? 11.252  -0.144  -9.071  1.00 0.00 ? 23 C A "C4'"  1 
ATOM 716 O "O4'"  . C A 1 23 ? 10.156  -0.783  -8.405  1.00 0.00 ? 23 C A "O4'"  1 
ATOM 717 C "C3'"  . C A 1 23 ? 10.841  1.316   -9.130  1.00 0.00 ? 23 C A "C3'"  1 
ATOM 718 O "O3'"  . C A 1 23 ? 11.408  1.871   -10.320 1.00 0.00 ? 23 C A "O3'"  1 
ATOM 719 C "C2'"  . C A 1 23 ? 9.340   1.232   -9.341  1.00 0.00 ? 23 C A "C2'"  1 
ATOM 720 O "O2'"  . C A 1 23 ? 9.038   0.956   -10.711 1.00 0.00 ? 23 C A "O2'"  1 
ATOM 721 C "C1'"  . C A 1 23 ? 8.975   0.039   -8.461  1.00 0.00 ? 23 C A "C1'"  1 
ATOM 722 N N1     . C A 1 23 ? 8.612   0.450   -7.086  1.00 0.00 ? 23 C A N1     1 
ATOM 723 C C2     . C A 1 23 ? 7.335   0.954   -6.882  1.00 0.00 ? 23 C A C2     1 
ATOM 724 O O2     . C A 1 23 ? 6.549   1.045   -7.823  1.00 0.00 ? 23 C A O2     1 
ATOM 725 N N3     . C A 1 23 ? 6.978   1.342   -5.627  1.00 0.00 ? 23 C A N3     1 
ATOM 726 C C4     . C A 1 23 ? 7.844   1.238   -4.608  1.00 0.00 ? 23 C A C4     1 
ATOM 727 N N4     . C A 1 23 ? 7.436   1.630   -3.401  1.00 0.00 ? 23 C A N4     1 
ATOM 728 C C5     . C A 1 23 ? 9.160   0.720   -4.811  1.00 0.00 ? 23 C A C5     1 
ATOM 729 C C6     . C A 1 23 ? 9.501   0.341   -6.057  1.00 0.00 ? 23 C A C6     1 
ATOM 730 H "H5'"  . C A 1 23 ? 12.854  -1.445  -8.493  1.00 0.00 ? 23 C A "H5'"  1 
ATOM 731 H "H5''" . C A 1 23 ? 13.317  0.260   -8.658  1.00 0.00 ? 23 C A "H5''" 1 
ATOM 732 H "H4'"  . C A 1 23 ? 11.344  -0.556  -10.077 1.00 0.00 ? 23 C A "H4'"  1 
ATOM 733 H "H3'"  . C A 1 23 ? 11.124  1.882   -8.242  1.00 0.00 ? 23 C A "H3'"  1 
ATOM 734 H "H2'"  . C A 1 23 ? 8.842   2.138   -9.001  1.00 0.00 ? 23 C A "H2'"  1 
ATOM 735 H "HO2'" . C A 1 23 ? 8.640   0.083   -10.746 1.00 0.00 ? 23 C A "HO2'" 1 
ATOM 736 H "H1'"  . C A 1 23 ? 8.158   -0.532  -8.898  1.00 0.00 ? 23 C A "H1'"  1 
ATOM 737 H H41    . C A 1 23 ? 6.527   2.053   -3.287  1.00 0.00 ? 23 C A H41    1 
ATOM 738 H H42    . C A 1 23 ? 8.037   1.504   -2.599  1.00 0.00 ? 23 C A H42    1 
ATOM 739 H H5     . C A 1 23 ? 9.872   0.632   -3.990  1.00 0.00 ? 23 C A H5     1 
ATOM 740 H H6     . C A 1 23 ? 10.498  -0.057  -6.245  1.00 0.00 ? 23 C A H6     1 
ATOM 741 P P      . U A 1 24 ? 11.961  3.383   -10.329 1.00 0.00 ? 24 U A P      1 
ATOM 742 O OP1    . U A 1 24 ? 12.664  3.612   -11.610 1.00 0.00 ? 24 U A OP1    1 
ATOM 743 O OP2    . U A 1 24 ? 12.662  3.629   -9.048  1.00 0.00 ? 24 U A OP2    1 
ATOM 744 O "O5'"  . U A 1 24 ? 10.606  4.252   -10.337 1.00 0.00 ? 24 U A "O5'"  1 
ATOM 745 C "C5'"  . U A 1 24 ? 9.869   4.433   -11.548 1.00 0.00 ? 24 U A "C5'"  1 
ATOM 746 C "C4'"  . U A 1 24 ? 8.430   4.856   -11.276 1.00 0.00 ? 24 U A "C4'"  1 
ATOM 747 O "O4'"  . U A 1 24 ? 7.910   4.096   -10.184 1.00 0.00 ? 24 U A "O4'"  1 
ATOM 748 C "C3'"  . U A 1 24 ? 8.260   6.293   -10.823 1.00 0.00 ? 24 U A "C3'"  1 
ATOM 749 O "O3'"  . U A 1 24 ? 8.067   7.086   -11.997 1.00 0.00 ? 24 U A "O3'"  1 
ATOM 750 C "C2'"  . U A 1 24 ? 6.934   6.263   -10.077 1.00 0.00 ? 24 U A "C2'"  1 
ATOM 751 O "O2'"  . U A 1 24 ? 5.844   6.415   -10.989 1.00 0.00 ? 24 U A "O2'"  1 
ATOM 752 C "C1'"  . U A 1 24 ? 6.927   4.860   -9.463  1.00 0.00 ? 24 U A "C1'"  1 
ATOM 753 N N1     . U A 1 24 ? 7.292   4.878   -8.029  1.00 0.00 ? 24 U A N1     1 
ATOM 754 C C2     . U A 1 24 ? 6.302   5.216   -7.121  1.00 0.00 ? 24 U A C2     1 
ATOM 755 O O2     . U A 1 24 ? 5.153   5.481   -7.467  1.00 0.00 ? 24 U A O2     1 
ATOM 756 N N3     . U A 1 24 ? 6.679   5.238   -5.792  1.00 0.00 ? 24 U A N3     1 
ATOM 757 C C4     . U A 1 24 ? 7.939   4.953   -5.299  1.00 0.00 ? 24 U A C4     1 
ATOM 758 O O4     . U A 1 24 ? 8.151   5.004   -4.089  1.00 0.00 ? 24 U A O4     1 
ATOM 759 C C5     . U A 1 24 ? 8.917   4.609   -6.305  1.00 0.00 ? 24 U A C5     1 
ATOM 760 C C6     . U A 1 24 ? 8.566   4.583   -7.617  1.00 0.00 ? 24 U A C6     1 
ATOM 761 H "H5'"  . U A 1 24 ? 9.864   3.494   -12.104 1.00 0.00 ? 24 U A "H5'"  1 
ATOM 762 H "H5''" . U A 1 24 ? 10.357  5.200   -12.151 1.00 0.00 ? 24 U A "H5''" 1 
ATOM 763 H "H4'"  . U A 1 24 ? 7.829   4.661   -12.163 1.00 0.00 ? 24 U A "H4'"  1 
ATOM 764 H "H3'"  . U A 1 24 ? 9.090   6.657   -10.217 1.00 0.00 ? 24 U A "H3'"  1 
ATOM 765 H "H2'"  . U A 1 24 ? 6.906   7.027   -9.300  1.00 0.00 ? 24 U A "H2'"  1 
ATOM 766 H "HO2'" . U A 1 24 ? 5.720   5.571   -11.430 1.00 0.00 ? 24 U A "HO2'" 1 
ATOM 767 H "H1'"  . U A 1 24 ? 5.951   4.388   -9.584  1.00 0.00 ? 24 U A "H1'"  1 
ATOM 768 H H3     . U A 1 24 ? 5.972   5.494   -5.120  1.00 0.00 ? 24 U A H3     1 
ATOM 769 H H5     . U A 1 24 ? 9.938   4.371   -6.012  1.00 0.00 ? 24 U A H5     1 
ATOM 770 H H6     . U A 1 24 ? 9.318   4.325   -8.361  1.00 0.00 ? 24 U A H6     1 
ATOM 771 P P      . U A 1 25 ? 8.422   8.656   -11.989 1.00 0.00 ? 25 U A P      1 
ATOM 772 O OP1    . U A 1 25 ? 8.630   9.091   -13.389 1.00 0.00 ? 25 U A OP1    1 
ATOM 773 O OP2    . U A 1 25 ? 9.481   8.887   -10.980 1.00 0.00 ? 25 U A OP2    1 
ATOM 774 O "O5'"  . U A 1 25 ? 7.059   9.322   -11.451 1.00 0.00 ? 25 U A "O5'"  1 
ATOM 775 C "C5'"  . U A 1 25 ? 5.907   9.400   -12.294 1.00 0.00 ? 25 U A "C5'"  1 
ATOM 776 C "C4'"  . U A 1 25 ? 4.660   9.796   -11.511 1.00 0.00 ? 25 U A "C4'"  1 
ATOM 777 O "O4'"  . U A 1 25 ? 4.534   8.952   -10.360 1.00 0.00 ? 25 U A "O4'"  1 
ATOM 778 C "C3'"  . U A 1 25 ? 4.690   11.201  -10.934 1.00 0.00 ? 25 U A "C3'"  1 
ATOM 779 O "O3'"  . U A 1 25 ? 4.081   12.069  -11.892 1.00 0.00 ? 25 U A "O3'"  1 
ATOM 780 C "C2'"  . U A 1 25 ? 3.741   11.098  -9.752  1.00 0.00 ? 25 U A "C2'"  1 
ATOM 781 O "O2'"  . U A 1 25 ? 2.382   11.175  -10.189 1.00 0.00 ? 25 U A "O2'"  1 
ATOM 782 C "C1'"  . U A 1 25 ? 4.058   9.700   -9.227  1.00 0.00 ? 25 U A "C1'"  1 
ATOM 783 N N1     . U A 1 25 ? 5.118   9.719   -8.193  1.00 0.00 ? 25 U A N1     1 
ATOM 784 C C2     . U A 1 25 ? 4.739   9.956   -6.882  1.00 0.00 ? 25 U A C2     1 
ATOM 785 O O2     . U A 1 25 ? 3.567   10.135  -6.557  1.00 0.00 ? 25 U A O2     1 
ATOM 786 N N3     . U A 1 25 ? 5.759   9.975   -5.950  1.00 0.00 ? 25 U A N3     1 
ATOM 787 C C4     . U A 1 25 ? 7.102   9.781   -6.211  1.00 0.00 ? 25 U A C4     1 
ATOM 788 O O4     . U A 1 25 ? 7.918   9.820   -5.291  1.00 0.00 ? 25 U A O4     1 
ATOM 789 C C5     . U A 1 25 ? 7.419   9.541   -7.600  1.00 0.00 ? 25 U A C5     1 
ATOM 790 C C6     . U A 1 25 ? 6.432   9.519   -8.530  1.00 0.00 ? 25 U A C6     1 
ATOM 791 H "H5'"  . U A 1 25 ? 5.741   8.427   -12.758 1.00 0.00 ? 25 U A "H5'"  1 
ATOM 792 H "H5''" . U A 1 25 ? 6.087   10.139  -13.074 1.00 0.00 ? 25 U A "H5''" 1 
ATOM 793 H "H4'"  . U A 1 25 ? 3.786   9.662   -12.147 1.00 0.00 ? 25 U A "H4'"  1 
ATOM 794 H "H3'"  . U A 1 25 ? 5.689   11.536  -10.659 1.00 0.00 ? 25 U A "H3'"  1 
ATOM 795 H "H2'"  . U A 1 25 ? 3.961   11.856  -9.003  1.00 0.00 ? 25 U A "H2'"  1 
ATOM 796 H "HO2'" . U A 1 25 ? 1.879   10.541  -9.673  1.00 0.00 ? 25 U A "HO2'" 1 
ATOM 797 H "H1'"  . U A 1 25 ? 3.163   9.219   -8.828  1.00 0.00 ? 25 U A "H1'"  1 
ATOM 798 H H3     . U A 1 25 ? 5.498   10.151  -4.991  1.00 0.00 ? 25 U A H3     1 
ATOM 799 H H5     . U A 1 25 ? 8.453   9.376   -7.901  1.00 0.00 ? 25 U A H5     1 
ATOM 800 H H6     . U A 1 25 ? 6.690   9.341   -9.574  1.00 0.00 ? 25 U A H6     1 
ATOM 801 P P      . C A 1 26 ? 4.629   13.569  -12.092 1.00 0.00 ? 26 C A P      1 
ATOM 802 O OP1    . C A 1 26 ? 3.943   14.161  -13.263 1.00 0.00 ? 26 C A OP1    1 
ATOM 803 O OP2    . C A 1 26 ? 6.108   13.532  -12.043 1.00 0.00 ? 26 C A OP2    1 
ATOM 804 O "O5'"  . C A 1 26 ? 4.100   14.317  -10.768 1.00 0.00 ? 26 C A "O5'"  1 
ATOM 805 C "C5'"  . C A 1 26 ? 2.702   14.547  -10.578 1.00 0.00 ? 26 C A "C5'"  1 
ATOM 806 C "C4'"  . C A 1 26 ? 2.401   15.076  -9.179  1.00 0.00 ? 26 C A "C4'"  1 
ATOM 807 O "O4'"  . C A 1 26 ? 2.774   14.097  -8.208  1.00 0.00 ? 26 C A "O4'"  1 
ATOM 808 C "C3'"  . C A 1 26 ? 3.196   16.297  -8.768  1.00 0.00 ? 26 C A "C3'"  1 
ATOM 809 O "O3'"  . C A 1 26 ? 2.459   17.448  -9.185  1.00 0.00 ? 26 C A "O3'"  1 
ATOM 810 C "C2'"  . C A 1 26 ? 3.127   16.241  -7.249  1.00 0.00 ? 26 C A "C2'"  1 
ATOM 811 O "O2'"  . C A 1 26 ? 1.896   16.803  -6.783  1.00 0.00 ? 26 C A "O2'"  1 
ATOM 812 C "C1'"  . C A 1 26 ? 3.165   14.734  -6.979  1.00 0.00 ? 26 C A "C1'"  1 
ATOM 813 N N1     . C A 1 26 ? 4.524   14.268  -6.616  1.00 0.00 ? 26 C A N1     1 
ATOM 814 C C2     . C A 1 26 ? 4.880   14.279  -5.272  1.00 0.00 ? 26 C A C2     1 
ATOM 815 O O2     . C A 1 26 ? 4.076   14.660  -4.424  1.00 0.00 ? 26 C A O2     1 
ATOM 816 N N3     . C A 1 26 ? 6.128   13.862  -4.923  1.00 0.00 ? 26 C A N3     1 
ATOM 817 C C4     . C A 1 26 ? 6.996   13.450  -5.857  1.00 0.00 ? 26 C A C4     1 
ATOM 818 N N4     . C A 1 26 ? 8.203   13.051  -5.453  1.00 0.00 ? 26 C A N4     1 
ATOM 819 C C5     . C A 1 26 ? 6.636   13.436  -7.241  1.00 0.00 ? 26 C A C5     1 
ATOM 820 C C6     . C A 1 26 ? 5.400   13.851  -7.574  1.00 0.00 ? 26 C A C6     1 
ATOM 821 H "H5'"  . C A 1 26 ? 2.164   13.611  -10.726 1.00 0.00 ? 26 C A "H5'"  1 
ATOM 822 H "H5''" . C A 1 26 ? 2.359   15.274  -11.315 1.00 0.00 ? 26 C A "H5''" 1 
ATOM 823 H "H4'"  . C A 1 26 ? 1.332   15.269  -9.097  1.00 0.00 ? 26 C A "H4'"  1 
ATOM 824 H "H3'"  . C A 1 26 ? 4.216   16.303  -9.155  1.00 0.00 ? 26 C A "H3'"  1 
ATOM 825 H "H2'"  . C A 1 26 ? 3.983   16.741  -6.799  1.00 0.00 ? 26 C A "H2'"  1 
ATOM 826 H "HO2'" . C A 1 26 ? 1.209   16.533  -7.397  1.00 0.00 ? 26 C A "HO2'" 1 
ATOM 827 H "H1'"  . C A 1 26 ? 2.456   14.460  -6.194  1.00 0.00 ? 26 C A "H1'"  1 
ATOM 828 H H41    . C A 1 26 ? 8.454   13.111  -4.478  1.00 0.00 ? 26 C A H41    1 
ATOM 829 H H42    . C A 1 26 ? 8.865   12.692  -6.125  1.00 0.00 ? 26 C A H42    1 
ATOM 830 H H5     . C A 1 26 ? 7.335   13.104  -8.007  1.00 0.00 ? 26 C A H5     1 
ATOM 831 H H6     . C A 1 26 ? 5.097   13.854  -8.621  1.00 0.00 ? 26 C A H6     1 
ATOM 832 P P      . C A 1 27 ? 3.230   18.764  -9.700  1.00 0.00 ? 27 C A P      1 
ATOM 833 O OP1    . C A 1 27 ? 2.221   19.799  -10.020 1.00 0.00 ? 27 C A OP1    1 
ATOM 834 O OP2    . C A 1 27 ? 4.214   18.352  -10.726 1.00 0.00 ? 27 C A OP2    1 
ATOM 835 O "O5'"  . C A 1 27 ? 4.035   19.235  -8.388  1.00 0.00 ? 27 C A "O5'"  1 
ATOM 836 C "C5'"  . C A 1 27 ? 3.331   19.682  -7.226  1.00 0.00 ? 27 C A "C5'"  1 
ATOM 837 C "C4'"  . C A 1 27 ? 4.251   20.425  -6.262  1.00 0.00 ? 27 C A "C4'"  1 
ATOM 838 O "O4'"  . C A 1 27 ? 4.939   19.480  -5.443  1.00 0.00 ? 27 C A "O4'"  1 
ATOM 839 C "C3'"  . C A 1 27 ? 5.369   21.212  -6.920  1.00 0.00 ? 27 C A "C3'"  1 
ATOM 840 O "O3'"  . C A 1 27 ? 4.903   22.498  -7.339  1.00 0.00 ? 27 C A "O3'"  1 
ATOM 841 C "C2'"  . C A 1 27 ? 6.359   21.349  -5.770  1.00 0.00 ? 27 C A "C2'"  1 
ATOM 842 O "O2'"  . C A 1 27 ? 5.976   22.426  -4.909  1.00 0.00 ? 27 C A "O2'"  1 
ATOM 843 C "C1'"  . C A 1 27 ? 6.215   20.008  -5.046  1.00 0.00 ? 27 C A "C1'"  1 
ATOM 844 N N1     . C A 1 27 ? 7.275   19.046  -5.425  1.00 0.00 ? 27 C A N1     1 
ATOM 845 C C2     . C A 1 27 ? 8.535   19.235  -4.877  1.00 0.00 ? 27 C A C2     1 
ATOM 846 O O2     . C A 1 27 ? 8.741   20.174  -4.112  1.00 0.00 ? 27 C A O2     1 
ATOM 847 N N3     . C A 1 27 ? 9.529   18.363  -5.206  1.00 0.00 ? 27 C A N3     1 
ATOM 848 C C4     . C A 1 27 ? 9.292   17.343  -6.043  1.00 0.00 ? 27 C A C4     1 
ATOM 849 N N4     . C A 1 27 ? 10.303  16.520  -6.325  1.00 0.00 ? 27 C A N4     1 
ATOM 850 C C5     . C A 1 27 ? 7.996   17.144  -6.613  1.00 0.00 ? 27 C A C5     1 
ATOM 851 C C6     . C A 1 27 ? 7.023   18.012  -6.279  1.00 0.00 ? 27 C A C6     1 
ATOM 852 H "H5'"  . C A 1 27 ? 2.904   18.821  -6.715  1.00 0.00 ? 27 C A "H5'"  1 
ATOM 853 H "H5''" . C A 1 27 ? 2.523   20.347  -7.536  1.00 0.00 ? 27 C A "H5''" 1 
ATOM 854 H "H4'"  . C A 1 27 ? 3.650   21.074  -5.625  1.00 0.00 ? 27 C A "H4'"  1 
ATOM 855 H "H3'"  . C A 1 27 ? 5.805   20.658  -7.752  1.00 0.00 ? 27 C A "H3'"  1 
ATOM 856 H "HO3'" . C A 1 27 ? 5.515   22.823  -8.002  1.00 0.00 ? 27 C A "HO3'" 1 
ATOM 857 H "H2'"  . C A 1 27 ? 7.375   21.485  -6.142  1.00 0.00 ? 27 C A "H2'"  1 
ATOM 858 H "HO2'" . C A 1 27 ? 5.079   22.253  -4.618  1.00 0.00 ? 27 C A "HO2'" 1 
ATOM 859 H "H1'"  . C A 1 27 ? 6.224   20.146  -3.964  1.00 0.00 ? 27 C A "H1'"  1 
ATOM 860 H H41    . C A 1 27 ? 11.208  16.667  -5.901  1.00 0.00 ? 27 C A H41    1 
ATOM 861 H H42    . C A 1 27 ? 10.164  15.750  -6.962  1.00 0.00 ? 27 C A H42    1 
ATOM 862 H H5     . C A 1 27 ? 7.793   16.318  -7.295  1.00 0.00 ? 27 C A H5     1 
ATOM 863 H H6     . C A 1 27 ? 6.024   17.888  -6.697  1.00 0.00 ? 27 C A H6     1 
# 
